data_1HM9
#
_entry.id   1HM9
#
_cell.length_a   89.509
_cell.length_b   89.509
_cell.length_c   278.753
_cell.angle_alpha   90.00
_cell.angle_beta   90.00
_cell.angle_gamma   120.00
#
_symmetry.space_group_name_H-M   'H 3'
#
loop_
_entity.id
_entity.type
_entity.pdbx_description
1 polymer 'UDP-N-ACETYLGLUCOSAMINE-1-PHOSPHATE URIDYLTRANSFERASE'
2 non-polymer 'CALCIUM ION'
3 non-polymer 'ACETYL COENZYME *A'
4 non-polymer URIDINE-DIPHOSPHATE-N-ACETYLGLUCOSAMINE
5 water water
#
_entity_poly.entity_id   1
_entity_poly.type   'polypeptide(L)'
_entity_poly.pdbx_seq_one_letter_code
;MRGSHHHHHHSNFAIILAAGKGTRMKSDLPKVLHKVAGISMLEHVFRSVGAIQPEKTVTVVGHKAELVEEVLAGQTEFVT
QSEQLGTGHAVMMTEPILEGLSGHTLVIAGDTPLITGESLKNLIDFHINHKNVATILTAETDNPFGYGRIVRNDNAEVLR
IVEQKDATDFEKQIKEINTGTYVFDNERLFEALKNINTNNAQGEYYITDVIGIFRETGEKVGAYTLKDFDESLGVNDRVA
LATAESVMRRRINHKHMVNGVSFVNPEATYIDIDVEIAPEVQIEANVILKGQTKIGAETVLTNGTYVVDSTIGAGAVITN
SMIEESSVADGVTVGPYAHIRPNSSLGAQVHIGNFVEVKGSSIGENTKAGHLTYIGNCEVGSNVNFGAGTITVNYDGKNK
YKTVIGDNVFVGSNSTIIAPVELGDNSLVGAGSTITKDVPADAIAIGRGRQINKDEYATRLPHHPKNQ
;
_entity_poly.pdbx_strand_id   A,B
#
loop_
_chem_comp.id
_chem_comp.type
_chem_comp.name
_chem_comp.formula
ACO non-polymer 'ACETYL COENZYME *A' 'C23 H38 N7 O17 P3 S'
CA non-polymer 'CALCIUM ION' 'Ca 2'
UD1 non-polymer URIDINE-DIPHOSPHATE-N-ACETYLGLUCOSAMINE 'C17 H27 N3 O17 P2'
#
# COMPACT_ATOMS: atom_id res chain seq x y z
N SER A 11 9.72 2.82 71.37
CA SER A 11 10.02 2.89 69.91
C SER A 11 11.26 2.11 69.52
N ASN A 12 11.19 1.50 68.35
CA ASN A 12 12.29 0.72 67.79
C ASN A 12 12.78 1.47 66.54
N PHE A 13 14.10 1.55 66.37
CA PHE A 13 14.64 2.21 65.21
C PHE A 13 15.61 1.23 64.56
N ALA A 14 15.92 1.44 63.29
CA ALA A 14 16.84 0.55 62.62
C ALA A 14 17.77 1.34 61.72
N ILE A 15 19.06 1.00 61.79
CA ILE A 15 20.09 1.62 60.97
C ILE A 15 20.72 0.48 60.15
N ILE A 16 20.69 0.62 58.82
CA ILE A 16 21.28 -0.38 57.93
C ILE A 16 22.51 0.24 57.29
N LEU A 17 23.67 -0.40 57.48
CA LEU A 17 24.92 0.11 56.92
C LEU A 17 25.14 -0.42 55.52
N ALA A 18 25.14 0.47 54.53
CA ALA A 18 25.28 0.04 53.14
C ALA A 18 26.08 0.99 52.28
N ALA A 19 27.06 1.66 52.88
CA ALA A 19 27.84 2.65 52.15
C ALA A 19 29.27 2.23 51.86
N GLY A 20 29.68 1.07 52.39
CA GLY A 20 31.04 0.60 52.20
C GLY A 20 31.46 0.34 50.76
N LYS A 21 32.77 0.44 50.51
CA LYS A 21 33.29 0.23 49.17
C LYS A 21 33.30 -1.22 48.66
N GLY A 22 33.38 -2.19 49.58
CA GLY A 22 33.38 -3.59 49.19
C GLY A 22 34.54 -3.95 48.27
N THR A 23 35.70 -3.38 48.54
CA THR A 23 36.87 -3.61 47.70
C THR A 23 37.11 -5.09 47.43
N ARG A 24 36.93 -5.89 48.48
CA ARG A 24 37.16 -7.32 48.41
C ARG A 24 36.19 -8.01 47.43
N MET A 25 35.10 -7.32 47.09
CA MET A 25 34.15 -7.90 46.14
C MET A 25 34.68 -7.80 44.70
N LYS A 26 35.60 -6.86 44.48
CA LYS A 26 36.17 -6.64 43.15
C LYS A 26 35.08 -6.50 42.15
N SER A 27 34.23 -5.52 42.40
CA SER A 27 33.08 -5.29 41.56
C SER A 27 32.73 -3.81 41.45
N ASP A 28 32.18 -3.43 40.29
CA ASP A 28 31.77 -2.04 40.11
C ASP A 28 30.37 -1.88 40.67
N LEU A 29 29.76 -3.00 41.01
CA LEU A 29 28.43 -2.96 41.60
C LEU A 29 28.63 -2.97 43.10
N PRO A 30 28.02 -2.00 43.80
CA PRO A 30 28.12 -1.91 45.26
C PRO A 30 27.85 -3.30 45.86
N LYS A 31 28.67 -3.70 46.81
CA LYS A 31 28.54 -5.01 47.43
C LYS A 31 27.12 -5.39 47.88
N VAL A 32 26.44 -4.50 48.60
CA VAL A 32 25.11 -4.86 49.09
C VAL A 32 24.08 -5.10 47.99
N LEU A 33 24.39 -4.73 46.75
CA LEU A 33 23.44 -4.94 45.66
C LEU A 33 23.62 -6.30 44.94
N HIS A 34 24.69 -7.04 45.29
CA HIS A 34 24.90 -8.34 44.72
C HIS A 34 23.73 -9.23 45.16
N LYS A 35 23.20 -9.99 44.23
CA LYS A 35 22.04 -10.82 44.52
C LYS A 35 22.29 -12.19 45.15
N VAL A 36 21.33 -12.62 45.97
CA VAL A 36 21.33 -13.91 46.62
C VAL A 36 19.90 -14.41 46.40
N ALA A 37 19.76 -15.49 45.65
CA ALA A 37 18.47 -16.09 45.35
C ALA A 37 17.49 -15.10 44.72
N GLY A 38 18.02 -14.25 43.85
CA GLY A 38 17.17 -13.34 43.12
C GLY A 38 16.97 -11.89 43.56
N ILE A 39 17.36 -11.55 44.78
CA ILE A 39 17.27 -10.16 45.25
C ILE A 39 18.57 -9.77 45.92
N SER A 40 18.83 -8.47 46.01
CA SER A 40 20.07 -8.00 46.64
C SER A 40 20.20 -8.40 48.10
N MET A 41 21.45 -8.52 48.56
CA MET A 41 21.66 -8.85 49.96
C MET A 41 20.92 -7.79 50.76
N LEU A 42 21.03 -6.54 50.33
CA LEU A 42 20.39 -5.43 51.03
C LEU A 42 18.89 -5.65 51.19
N GLU A 43 18.24 -6.16 50.15
CA GLU A 43 16.81 -6.42 50.28
C GLU A 43 16.53 -7.54 51.27
N HIS A 44 17.39 -8.56 51.36
CA HIS A 44 17.13 -9.62 52.35
C HIS A 44 17.21 -8.97 53.74
N VAL A 45 18.20 -8.11 53.93
CA VAL A 45 18.37 -7.40 55.20
C VAL A 45 17.15 -6.53 55.48
N PHE A 46 16.68 -5.80 54.48
CA PHE A 46 15.48 -4.97 54.65
CA PHE A 46 15.50 -4.98 54.70
C PHE A 46 14.30 -5.84 55.11
N ARG A 47 14.15 -7.01 54.49
CA ARG A 47 13.04 -7.87 54.88
C ARG A 47 13.15 -8.32 56.33
N SER A 48 14.36 -8.61 56.78
CA SER A 48 14.52 -9.03 58.17
C SER A 48 14.23 -7.86 59.12
N VAL A 49 14.76 -6.68 58.80
CA VAL A 49 14.57 -5.50 59.62
C VAL A 49 13.07 -5.24 59.77
N GLY A 50 12.32 -5.49 58.68
CA GLY A 50 10.90 -5.28 58.72
C GLY A 50 10.16 -6.01 59.83
N ALA A 51 10.72 -7.13 60.29
CA ALA A 51 10.10 -7.95 61.32
C ALA A 51 10.02 -7.28 62.68
N ILE A 52 10.91 -6.34 62.95
CA ILE A 52 10.89 -5.68 64.25
C ILE A 52 10.05 -4.40 64.17
N GLN A 53 9.43 -4.18 63.02
CA GLN A 53 8.57 -3.02 62.80
C GLN A 53 9.07 -1.72 63.39
N PRO A 54 10.25 -1.27 62.93
CA PRO A 54 10.81 -0.02 63.45
C PRO A 54 9.98 1.19 63.07
N GLU A 55 9.93 2.18 63.95
CA GLU A 55 9.20 3.41 63.70
C GLU A 55 9.98 4.23 62.70
N LYS A 56 11.28 3.99 62.63
CA LYS A 56 12.11 4.70 61.67
CA LYS A 56 12.14 4.72 61.71
C LYS A 56 13.24 3.77 61.21
N THR A 57 13.48 3.80 59.91
CA THR A 57 14.52 2.99 59.33
C THR A 57 15.44 3.92 58.56
N VAL A 58 16.72 3.88 58.89
CA VAL A 58 17.67 4.75 58.21
C VAL A 58 18.77 3.91 57.58
N THR A 59 18.93 4.04 56.27
CA THR A 59 19.94 3.29 55.55
C THR A 59 21.01 4.28 55.18
N VAL A 60 22.25 3.92 55.52
CA VAL A 60 23.40 4.76 55.25
C VAL A 60 24.02 4.35 53.91
N VAL A 61 24.07 5.30 52.98
CA VAL A 61 24.64 5.05 51.67
C VAL A 61 25.87 5.95 51.47
N GLY A 62 26.75 5.53 50.57
CA GLY A 62 27.95 6.28 50.30
C GLY A 62 28.47 5.90 48.94
N HIS A 63 29.24 4.83 48.91
CA HIS A 63 29.82 4.33 47.67
C HIS A 63 28.70 4.06 46.67
N LYS A 64 28.65 4.85 45.59
CA LYS A 64 27.63 4.69 44.57
C LYS A 64 26.23 4.74 45.20
N ALA A 65 26.03 5.71 46.08
CA ALA A 65 24.75 5.86 46.78
C ALA A 65 23.61 5.95 45.77
N GLU A 66 23.92 6.53 44.63
CA GLU A 66 22.96 6.70 43.55
C GLU A 66 22.24 5.38 43.28
N LEU A 67 23.01 4.36 42.95
CA LEU A 67 22.49 3.02 42.68
C LEU A 67 21.73 2.40 43.83
N VAL A 68 22.31 2.46 45.03
CA VAL A 68 21.70 1.84 46.20
C VAL A 68 20.32 2.43 46.51
N GLU A 69 20.20 3.74 46.39
CA GLU A 69 18.93 4.38 46.67
C GLU A 69 17.83 3.93 45.72
N GLU A 70 18.22 3.36 44.58
CA GLU A 70 17.25 2.87 43.63
C GLU A 70 16.36 1.83 44.30
N VAL A 71 16.96 0.71 44.69
CA VAL A 71 16.24 -0.38 45.34
C VAL A 71 15.58 0.09 46.62
N LEU A 72 14.24 0.05 46.62
CA LEU A 72 13.47 0.47 47.78
C LEU A 72 13.85 1.88 48.20
N ALA A 73 13.24 2.86 47.53
CA ALA A 73 13.52 4.26 47.80
C ALA A 73 12.33 4.97 48.45
N GLY A 74 11.75 4.33 49.46
CA GLY A 74 10.61 4.92 50.14
C GLY A 74 10.31 4.20 51.45
N GLN A 75 10.64 2.91 51.49
CA GLN A 75 10.40 2.10 52.69
C GLN A 75 11.47 2.37 53.77
N THR A 76 12.22 3.45 53.59
CA THR A 76 13.26 3.81 54.54
C THR A 76 13.78 5.20 54.25
N GLU A 77 14.49 5.76 55.23
CA GLU A 77 15.10 7.05 55.11
C GLU A 77 16.52 6.76 54.64
N PHE A 78 17.13 7.71 53.97
CA PHE A 78 18.50 7.56 53.49
C PHE A 78 19.38 8.67 54.01
N VAL A 79 20.63 8.33 54.32
CA VAL A 79 21.59 9.31 54.77
C VAL A 79 22.86 9.00 54.02
N THR A 80 23.52 10.04 53.53
CA THR A 80 24.74 9.85 52.78
C THR A 80 26.00 9.97 53.63
N GLN A 81 26.91 9.02 53.40
CA GLN A 81 28.20 9.03 54.07
C GLN A 81 29.15 9.36 52.91
N SER A 82 29.54 10.63 52.80
CA SER A 82 30.43 11.12 51.74
C SER A 82 31.71 10.30 51.68
N GLU A 83 32.35 10.13 52.81
CA GLU A 83 33.57 9.33 52.88
C GLU A 83 33.32 8.14 53.78
N GLN A 84 33.75 6.96 53.32
CA GLN A 84 33.59 5.72 54.09
C GLN A 84 34.72 5.61 55.11
N LEU A 85 34.52 6.25 56.25
CA LEU A 85 35.51 6.26 57.31
C LEU A 85 35.31 5.17 58.37
N GLY A 86 34.36 4.27 58.15
CA GLY A 86 34.15 3.22 59.15
C GLY A 86 32.69 3.01 59.50
N THR A 87 32.40 1.82 60.02
CA THR A 87 31.05 1.44 60.42
C THR A 87 30.57 2.41 61.50
N GLY A 88 31.46 2.77 62.41
CA GLY A 88 31.11 3.70 63.47
C GLY A 88 30.73 5.05 62.91
N HIS A 89 31.52 5.54 61.96
CA HIS A 89 31.29 6.83 61.30
C HIS A 89 29.97 6.79 60.48
N ALA A 90 29.68 5.64 59.88
CA ALA A 90 28.45 5.50 59.10
C ALA A 90 27.24 5.71 60.03
N VAL A 91 27.30 5.12 61.22
CA VAL A 91 26.19 5.30 62.17
C VAL A 91 26.08 6.79 62.56
N MET A 92 27.21 7.47 62.60
CA MET A 92 27.22 8.88 62.94
C MET A 92 26.40 9.68 61.94
N MET A 93 26.43 9.25 60.67
CA MET A 93 25.69 9.95 59.64
C MET A 93 24.18 9.96 59.91
N THR A 94 23.70 9.08 60.78
CA THR A 94 22.27 9.05 61.10
C THR A 94 21.89 10.00 62.23
N GLU A 95 22.89 10.64 62.85
CA GLU A 95 22.65 11.54 63.98
C GLU A 95 21.58 12.60 63.71
N PRO A 96 21.61 13.23 62.53
CA PRO A 96 20.59 14.24 62.30
C PRO A 96 19.16 13.73 62.42
N ILE A 97 18.98 12.43 62.23
CA ILE A 97 17.64 11.85 62.30
C ILE A 97 17.32 11.17 63.61
N LEU A 98 18.30 10.48 64.18
CA LEU A 98 18.05 9.73 65.40
C LEU A 98 18.60 10.26 66.70
N GLU A 99 19.60 11.12 66.64
CA GLU A 99 20.18 11.61 67.90
C GLU A 99 19.07 12.31 68.67
N GLY A 100 19.00 12.06 69.96
CA GLY A 100 17.97 12.75 70.73
C GLY A 100 16.72 11.95 70.98
N LEU A 101 16.48 10.93 70.17
CA LEU A 101 15.29 10.13 70.37
C LEU A 101 15.55 9.04 71.41
N SER A 102 14.47 8.54 72.02
CA SER A 102 14.58 7.47 73.00
C SER A 102 14.02 6.19 72.38
N GLY A 103 14.65 5.06 72.70
CA GLY A 103 14.18 3.80 72.14
C GLY A 103 15.31 2.81 71.97
N HIS A 104 15.04 1.73 71.22
CA HIS A 104 16.04 0.68 70.98
C HIS A 104 16.40 0.76 69.52
N THR A 105 17.68 0.86 69.23
CA THR A 105 18.10 0.98 67.86
C THR A 105 18.86 -0.23 67.37
N LEU A 106 18.34 -0.85 66.33
CA LEU A 106 19.00 -2.01 65.74
C LEU A 106 20.01 -1.45 64.73
N VAL A 107 21.22 -1.98 64.76
CA VAL A 107 22.24 -1.59 63.77
C VAL A 107 22.56 -2.91 63.05
N ILE A 108 22.48 -2.92 61.73
CA ILE A 108 22.75 -4.15 60.97
C ILE A 108 23.52 -3.85 59.68
N ALA A 109 24.37 -4.77 59.26
CA ALA A 109 25.13 -4.58 58.02
C ALA A 109 24.29 -4.99 56.82
N GLY A 110 24.57 -4.40 55.67
CA GLY A 110 23.81 -4.73 54.48
C GLY A 110 24.41 -5.93 53.76
N ASP A 111 25.47 -6.49 54.36
CA ASP A 111 26.14 -7.63 53.75
C ASP A 111 26.05 -8.93 54.55
N THR A 112 25.00 -9.05 55.39
CA THR A 112 24.77 -10.24 56.21
C THR A 112 23.30 -10.57 55.89
N PRO A 113 23.08 -11.09 54.68
CA PRO A 113 21.75 -11.44 54.19
C PRO A 113 21.05 -12.66 54.74
N LEU A 114 21.74 -13.45 55.56
CA LEU A 114 21.15 -14.65 56.08
C LEU A 114 20.51 -14.45 57.45
N ILE A 115 20.73 -13.29 58.06
CA ILE A 115 20.12 -13.09 59.38
C ILE A 115 18.61 -12.94 59.15
N THR A 116 17.82 -13.72 59.88
CA THR A 116 16.36 -13.69 59.70
C THR A 116 15.60 -12.68 60.56
N GLY A 117 14.39 -12.34 60.12
CA GLY A 117 13.59 -11.43 60.92
C GLY A 117 13.30 -12.05 62.30
N GLU A 118 13.10 -13.36 62.32
CA GLU A 118 12.84 -14.08 63.57
C GLU A 118 14.02 -13.92 64.55
N SER A 119 15.24 -14.00 64.03
CA SER A 119 16.43 -13.84 64.88
C SER A 119 16.48 -12.39 65.41
N LEU A 120 16.16 -11.42 64.55
CA LEU A 120 16.16 -10.02 64.98
C LEU A 120 15.10 -9.82 66.06
N LYS A 121 13.91 -10.41 65.87
CA LYS A 121 12.89 -10.27 66.90
C LYS A 121 13.38 -10.89 68.20
N ASN A 122 14.10 -12.02 68.12
CA ASN A 122 14.66 -12.66 69.31
C ASN A 122 15.73 -11.77 69.94
N LEU A 123 16.51 -11.10 69.10
CA LEU A 123 17.57 -10.22 69.58
C LEU A 123 16.99 -9.05 70.38
N ILE A 124 15.96 -8.41 69.81
CA ILE A 124 15.29 -7.29 70.45
C ILE A 124 14.66 -7.73 71.76
N ASP A 125 13.96 -8.87 71.75
CA ASP A 125 13.31 -9.37 72.95
CA ASP A 125 13.32 -9.35 72.96
C ASP A 125 14.33 -9.56 74.07
N PHE A 126 15.47 -10.18 73.73
CA PHE A 126 16.52 -10.44 74.70
C PHE A 126 17.10 -9.11 75.24
N HIS A 127 17.29 -8.14 74.37
CA HIS A 127 17.84 -6.84 74.77
C HIS A 127 16.93 -6.21 75.85
N ILE A 128 15.63 -6.26 75.59
CA ILE A 128 14.63 -5.71 76.48
C ILE A 128 14.52 -6.46 77.80
N ASN A 129 14.36 -7.78 77.74
CA ASN A 129 14.24 -8.56 78.96
C ASN A 129 15.47 -8.49 79.86
N HIS A 130 16.65 -8.41 79.28
CA HIS A 130 17.87 -8.34 80.09
C HIS A 130 18.21 -6.91 80.44
N LYS A 131 17.45 -5.98 79.88
CA LYS A 131 17.64 -4.56 80.14
C LYS A 131 19.07 -4.12 79.82
N ASN A 132 19.59 -4.52 78.66
CA ASN A 132 20.95 -4.16 78.28
C ASN A 132 20.98 -2.77 77.66
N VAL A 133 22.14 -2.13 77.71
CA VAL A 133 22.30 -0.85 77.05
C VAL A 133 22.75 -1.26 75.63
N ALA A 134 23.39 -2.43 75.54
CA ALA A 134 23.81 -2.94 74.24
C ALA A 134 23.80 -4.46 74.20
N THR A 135 23.24 -5.01 73.12
CA THR A 135 23.20 -6.46 72.97
C THR A 135 23.79 -6.71 71.59
N ILE A 136 24.74 -7.64 71.54
CA ILE A 136 25.42 -7.99 70.30
C ILE A 136 24.88 -9.33 69.83
N LEU A 137 24.59 -9.45 68.55
CA LEU A 137 24.10 -10.72 68.02
C LEU A 137 25.39 -11.48 67.69
N THR A 138 25.58 -12.65 68.29
CA THR A 138 26.82 -13.40 68.08
C THR A 138 26.58 -14.83 67.58
N ALA A 139 27.67 -15.49 67.18
CA ALA A 139 27.61 -16.88 66.73
C ALA A 139 29.00 -17.46 66.94
N GLU A 140 29.12 -18.76 66.73
CA GLU A 140 30.42 -19.41 66.85
C GLU A 140 30.80 -20.02 65.51
N THR A 141 32.08 -19.99 65.18
CA THR A 141 32.54 -20.57 63.93
C THR A 141 33.98 -21.04 64.07
N ASP A 142 34.32 -22.12 63.38
CA ASP A 142 35.69 -22.63 63.43
C ASP A 142 36.60 -21.76 62.58
N ASN A 143 36.02 -21.00 61.66
CA ASN A 143 36.79 -20.13 60.79
C ASN A 143 36.35 -18.67 60.94
N PRO A 144 36.77 -18.02 62.05
CA PRO A 144 36.43 -16.62 62.36
C PRO A 144 37.24 -15.56 61.66
N PHE A 145 38.15 -15.98 60.76
CA PHE A 145 38.97 -15.01 60.06
C PHE A 145 38.15 -13.87 59.47
N GLY A 146 38.57 -12.65 59.74
CA GLY A 146 37.90 -11.45 59.22
C GLY A 146 36.77 -10.87 60.06
N TYR A 147 36.26 -11.67 60.99
CA TYR A 147 35.17 -11.27 61.90
C TYR A 147 35.70 -10.67 63.19
N GLY A 148 34.96 -9.73 63.75
CA GLY A 148 35.37 -9.20 65.05
C GLY A 148 35.16 -10.35 66.03
N ARG A 149 36.07 -10.47 67.01
CA ARG A 149 35.99 -11.52 68.01
C ARG A 149 35.37 -10.96 69.29
N ILE A 150 34.54 -11.76 69.94
CA ILE A 150 33.89 -11.33 71.19
C ILE A 150 34.79 -11.65 72.37
N VAL A 151 35.42 -10.62 72.95
CA VAL A 151 36.31 -10.83 74.11
C VAL A 151 35.52 -10.80 75.43
N ARG A 152 35.63 -11.87 76.20
CA ARG A 152 34.96 -11.95 77.48
C ARG A 152 35.98 -12.19 78.61
N ASN A 153 35.53 -12.05 79.85
CA ASN A 153 36.42 -12.31 80.99
C ASN A 153 36.08 -13.68 81.56
N ASP A 154 36.75 -14.06 82.64
CA ASP A 154 36.54 -15.35 83.28
C ASP A 154 35.07 -15.55 83.66
N ASN A 155 34.36 -14.46 83.88
CA ASN A 155 32.95 -14.54 84.25
C ASN A 155 32.05 -14.48 83.03
N ALA A 156 32.63 -14.70 81.85
CA ALA A 156 31.88 -14.69 80.60
C ALA A 156 31.23 -13.33 80.31
N GLU A 157 31.79 -12.27 80.91
CA GLU A 157 31.26 -10.93 80.70
C GLU A 157 31.89 -10.29 79.46
N VAL A 158 31.07 -9.66 78.64
CA VAL A 158 31.58 -9.03 77.44
C VAL A 158 32.44 -7.80 77.72
N LEU A 159 33.71 -7.87 77.32
CA LEU A 159 34.64 -6.80 77.52
C LEU A 159 34.73 -5.86 76.32
N ARG A 160 34.73 -6.45 75.12
CA ARG A 160 34.85 -5.66 73.92
C ARG A 160 34.85 -6.56 72.72
N ILE A 161 34.95 -5.94 71.55
CA ILE A 161 35.00 -6.65 70.29
C ILE A 161 36.31 -6.23 69.66
N VAL A 162 37.11 -7.20 69.21
CA VAL A 162 38.37 -6.83 68.57
C VAL A 162 38.40 -7.24 67.09
N GLU A 163 38.71 -6.30 66.22
CA GLU A 163 38.75 -6.59 64.79
C GLU A 163 39.95 -7.43 64.38
N GLN A 164 39.77 -8.22 63.32
CA GLN A 164 40.81 -9.11 62.80
C GLN A 164 42.14 -8.37 62.62
N LYS A 165 42.12 -7.24 61.91
CA LYS A 165 43.34 -6.45 61.69
C LYS A 165 44.01 -6.00 62.99
N ASP A 166 43.20 -5.61 63.96
CA ASP A 166 43.71 -5.13 65.26
C ASP A 166 43.96 -6.24 66.27
N ALA A 167 43.50 -7.45 65.97
CA ALA A 167 43.67 -8.53 66.92
C ALA A 167 45.08 -9.04 67.06
N THR A 168 45.39 -9.54 68.26
CA THR A 168 46.72 -10.08 68.51
C THR A 168 46.58 -11.52 68.10
N ASP A 169 47.71 -12.21 68.04
CA ASP A 169 47.73 -13.62 67.68
C ASP A 169 46.80 -14.41 68.60
N PHE A 170 46.79 -14.04 69.88
CA PHE A 170 45.95 -14.74 70.88
C PHE A 170 44.46 -14.53 70.69
N GLU A 171 44.05 -13.29 70.43
CA GLU A 171 42.63 -12.98 70.26
C GLU A 171 42.06 -13.65 68.99
N LYS A 172 42.92 -13.83 67.99
CA LYS A 172 42.47 -14.45 66.74
C LYS A 172 41.92 -15.87 66.95
N GLN A 173 42.31 -16.53 68.04
CA GLN A 173 41.82 -17.89 68.30
CA GLN A 173 41.83 -17.90 68.30
C GLN A 173 40.41 -17.92 68.86
N ILE A 174 39.83 -16.75 69.10
CA ILE A 174 38.46 -16.72 69.63
C ILE A 174 37.50 -17.16 68.53
N LYS A 175 36.62 -18.11 68.85
CA LYS A 175 35.62 -18.64 67.92
C LYS A 175 34.29 -17.89 67.93
N GLU A 176 34.03 -17.13 68.99
CA GLU A 176 32.77 -16.38 69.10
C GLU A 176 32.93 -15.08 68.34
N ILE A 177 32.09 -14.91 67.33
CA ILE A 177 32.21 -13.73 66.49
C ILE A 177 31.07 -12.75 66.56
N ASN A 178 31.37 -11.52 66.20
CA ASN A 178 30.40 -10.44 66.14
C ASN A 178 29.73 -10.54 64.76
N THR A 179 28.41 -10.65 64.71
CA THR A 179 27.72 -10.74 63.42
C THR A 179 27.56 -9.39 62.74
N GLY A 180 27.88 -8.30 63.45
CA GLY A 180 27.69 -6.99 62.85
C GLY A 180 26.28 -6.46 63.10
N THR A 181 25.48 -7.18 63.88
CA THR A 181 24.14 -6.75 64.22
C THR A 181 24.08 -6.55 65.72
N TYR A 182 23.42 -5.47 66.15
CA TYR A 182 23.30 -5.14 67.58
C TYR A 182 22.01 -4.39 67.84
N VAL A 183 21.68 -4.27 69.12
CA VAL A 183 20.57 -3.43 69.53
C VAL A 183 21.18 -2.54 70.61
N PHE A 184 20.95 -1.24 70.49
CA PHE A 184 21.50 -0.28 71.42
C PHE A 184 20.41 0.63 71.97
N ASP A 185 20.59 1.08 73.21
CA ASP A 185 19.66 2.07 73.74
C ASP A 185 20.01 3.25 72.84
N ASN A 186 19.03 3.80 72.12
CA ASN A 186 19.34 4.87 71.19
C ASN A 186 20.11 6.06 71.77
N GLU A 187 19.68 6.53 72.93
CA GLU A 187 20.33 7.69 73.56
C GLU A 187 21.81 7.44 73.86
N ARG A 188 22.08 6.32 74.53
CA ARG A 188 23.46 6.00 74.87
C ARG A 188 24.31 5.73 73.64
N LEU A 189 23.72 5.13 72.61
CA LEU A 189 24.47 4.86 71.38
C LEU A 189 25.21 6.09 70.87
N PHE A 190 24.46 7.14 70.57
CA PHE A 190 25.11 8.32 70.03
C PHE A 190 26.05 9.06 70.97
N GLU A 191 25.83 8.89 72.28
CA GLU A 191 26.73 9.52 73.22
C GLU A 191 28.06 8.77 73.20
N ALA A 192 27.99 7.43 73.21
CA ALA A 192 29.20 6.63 73.19
C ALA A 192 29.96 6.88 71.89
N LEU A 193 29.23 7.10 70.80
CA LEU A 193 29.81 7.34 69.49
C LEU A 193 30.76 8.53 69.50
N LYS A 194 30.46 9.51 70.35
CA LYS A 194 31.27 10.72 70.45
C LYS A 194 32.69 10.38 70.92
N ASN A 195 32.83 9.25 71.60
CA ASN A 195 34.11 8.84 72.15
C ASN A 195 34.96 7.89 71.33
N ILE A 196 34.60 7.64 70.07
CA ILE A 196 35.39 6.74 69.26
C ILE A 196 36.31 7.52 68.34
N ASN A 197 37.46 6.93 68.00
CA ASN A 197 38.41 7.60 67.11
C ASN A 197 39.05 6.59 66.15
N THR A 198 39.85 7.07 65.21
CA THR A 198 40.48 6.20 64.22
C THR A 198 41.81 5.57 64.63
N ASN A 199 42.04 5.43 65.93
CA ASN A 199 43.29 4.84 66.40
C ASN A 199 43.25 3.32 66.35
N ASN A 200 43.35 2.76 65.15
CA ASN A 200 43.33 1.31 64.97
C ASN A 200 44.03 0.91 63.66
N ALA A 201 44.21 -0.39 63.44
CA ALA A 201 44.87 -0.90 62.24
C ALA A 201 44.25 -0.45 60.93
N GLN A 202 43.00 -0.03 60.94
CA GLN A 202 42.36 0.41 59.72
C GLN A 202 42.16 1.92 59.67
N GLY A 203 42.53 2.60 60.75
CA GLY A 203 42.36 4.04 60.79
C GLY A 203 40.93 4.44 60.49
N GLU A 204 39.99 3.68 61.07
CA GLU A 204 38.58 3.93 60.86
C GLU A 204 37.80 4.06 62.17
N TYR A 205 36.59 4.60 62.10
CA TYR A 205 35.74 4.74 63.28
C TYR A 205 34.92 3.46 63.32
N TYR A 206 35.28 2.58 64.25
CA TYR A 206 34.61 1.29 64.43
C TYR A 206 33.37 1.38 65.28
N ILE A 207 32.24 0.86 64.80
CA ILE A 207 31.03 0.89 65.63
C ILE A 207 31.28 -0.07 66.79
N THR A 208 32.13 -1.06 66.55
CA THR A 208 32.45 -2.05 67.56
C THR A 208 33.14 -1.46 68.80
N ASP A 209 33.72 -0.27 68.67
CA ASP A 209 34.36 0.34 69.83
C ASP A 209 33.36 0.83 70.88
N VAL A 210 32.07 0.99 70.53
CA VAL A 210 31.12 1.47 71.58
C VAL A 210 30.94 0.40 72.66
N ILE A 211 31.28 -0.85 72.36
CA ILE A 211 31.13 -1.89 73.36
C ILE A 211 32.12 -1.65 74.48
N GLY A 212 33.37 -1.37 74.10
CA GLY A 212 34.37 -1.07 75.11
C GLY A 212 33.98 0.17 75.89
N ILE A 213 33.34 1.13 75.24
CA ILE A 213 32.92 2.36 75.90
C ILE A 213 31.87 2.06 76.97
N PHE A 214 30.88 1.22 76.65
CA PHE A 214 29.85 0.88 77.65
C PHE A 214 30.44 0.09 78.80
N ARG A 215 31.49 -0.66 78.51
CA ARG A 215 32.18 -1.42 79.53
C ARG A 215 32.85 -0.43 80.50
N GLU A 216 33.38 0.68 79.99
CA GLU A 216 34.04 1.63 80.87
C GLU A 216 33.02 2.25 81.83
N THR A 217 31.85 2.60 81.31
CA THR A 217 30.80 3.21 82.13
C THR A 217 30.06 2.19 82.99
N GLY A 218 30.35 0.90 82.80
CA GLY A 218 29.72 -0.14 83.58
C GLY A 218 28.31 -0.49 83.15
N GLU A 219 27.85 0.13 82.06
CA GLU A 219 26.51 -0.12 81.53
C GLU A 219 26.41 -1.56 81.06
N LYS A 220 25.19 -2.11 81.11
CA LYS A 220 24.98 -3.50 80.77
C LYS A 220 25.13 -3.86 79.29
N VAL A 221 26.01 -4.80 79.03
CA VAL A 221 26.29 -5.28 77.69
C VAL A 221 26.03 -6.76 77.66
N GLY A 222 25.22 -7.19 76.71
CA GLY A 222 24.93 -8.60 76.60
C GLY A 222 25.20 -9.13 75.21
N ALA A 223 25.08 -10.44 75.07
CA ALA A 223 25.30 -11.08 73.80
C ALA A 223 24.20 -12.11 73.63
N TYR A 224 23.51 -12.05 72.49
CA TYR A 224 22.45 -12.99 72.21
C TYR A 224 23.01 -13.83 71.06
N THR A 225 23.08 -15.14 71.26
CA THR A 225 23.64 -16.04 70.26
C THR A 225 22.62 -16.66 69.31
N LEU A 226 22.99 -16.65 68.04
CA LEU A 226 22.12 -17.21 67.02
C LEU A 226 21.89 -18.68 67.26
N LYS A 227 20.66 -19.13 67.04
CA LYS A 227 20.35 -20.54 67.21
C LYS A 227 20.97 -21.31 66.04
N ASP A 228 21.03 -20.67 64.87
CA ASP A 228 21.63 -21.27 63.67
C ASP A 228 22.86 -20.46 63.25
N PHE A 229 24.06 -20.98 63.50
CA PHE A 229 25.28 -20.25 63.16
C PHE A 229 25.48 -19.95 61.67
N ASP A 230 24.74 -20.64 60.81
CA ASP A 230 24.87 -20.40 59.36
C ASP A 230 24.40 -19.00 59.05
N GLU A 231 23.47 -18.52 59.85
CA GLU A 231 22.90 -17.19 59.66
C GLU A 231 23.90 -16.04 59.85
N SER A 232 25.03 -16.34 60.50
CA SER A 232 26.01 -15.30 60.81
C SER A 232 26.90 -14.79 59.72
N LEU A 233 26.85 -15.45 58.57
CA LEU A 233 27.72 -15.10 57.44
C LEU A 233 27.82 -13.63 57.05
N GLY A 234 29.04 -13.12 57.03
CA GLY A 234 29.28 -11.76 56.60
C GLY A 234 29.92 -11.95 55.23
N VAL A 235 29.35 -11.31 54.22
CA VAL A 235 29.86 -11.47 52.87
C VAL A 235 30.77 -10.32 52.45
N ASN A 236 32.08 -10.57 52.39
CA ASN A 236 33.02 -9.53 51.96
C ASN A 236 33.61 -9.80 50.57
N ASP A 237 33.48 -11.04 50.09
CA ASP A 237 34.03 -11.39 48.77
C ASP A 237 33.11 -12.40 48.08
N ARG A 238 33.47 -12.85 46.88
CA ARG A 238 32.57 -13.75 46.18
C ARG A 238 32.55 -15.19 46.69
N VAL A 239 33.56 -15.57 47.46
CA VAL A 239 33.57 -16.88 48.06
C VAL A 239 32.44 -16.88 49.09
N ALA A 240 32.36 -15.84 49.90
CA ALA A 240 31.28 -15.73 50.91
C ALA A 240 29.92 -15.56 50.22
N LEU A 241 29.89 -14.83 49.10
CA LEU A 241 28.63 -14.67 48.39
C LEU A 241 28.08 -16.05 47.96
N ALA A 242 28.94 -16.91 47.44
CA ALA A 242 28.52 -18.25 47.03
C ALA A 242 28.03 -19.04 48.25
N THR A 243 28.66 -18.82 49.39
CA THR A 243 28.19 -19.52 50.60
C THR A 243 26.80 -18.97 50.94
N ALA A 244 26.61 -17.66 50.79
CA ALA A 244 25.30 -17.04 51.06
C ALA A 244 24.26 -17.67 50.11
N GLU A 245 24.60 -17.82 48.84
CA GLU A 245 23.68 -18.47 47.90
C GLU A 245 23.32 -19.90 48.36
N SER A 246 24.32 -20.62 48.88
CA SER A 246 24.09 -22.01 49.28
C SER A 246 23.14 -22.12 50.49
N VAL A 247 23.37 -21.31 51.50
CA VAL A 247 22.51 -21.32 52.68
C VAL A 247 21.08 -20.85 52.34
N MET A 248 20.95 -19.76 51.57
CA MET A 248 19.64 -19.25 51.20
C MET A 248 18.91 -20.28 50.33
N ARG A 249 19.63 -20.89 49.40
CA ARG A 249 19.04 -21.92 48.54
C ARG A 249 18.51 -23.07 49.39
N ARG A 250 19.28 -23.48 50.40
CA ARG A 250 18.86 -24.57 51.25
C ARG A 250 17.61 -24.16 52.04
N ARG A 251 17.58 -22.91 52.47
CA ARG A 251 16.45 -22.41 53.24
C ARG A 251 15.16 -22.40 52.41
N ILE A 252 15.26 -21.84 51.21
CA ILE A 252 14.11 -21.76 50.31
C ILE A 252 13.61 -23.16 49.95
N ASN A 253 14.54 -24.03 49.57
CA ASN A 253 14.12 -25.36 49.16
C ASN A 253 13.58 -26.16 50.31
N HIS A 254 14.11 -25.93 51.49
CA HIS A 254 13.61 -26.64 52.66
C HIS A 254 12.16 -26.28 52.85
N LYS A 255 11.88 -24.98 52.75
CA LYS A 255 10.51 -24.49 52.88
C LYS A 255 9.55 -25.14 51.88
N HIS A 256 10.00 -25.27 50.63
CA HIS A 256 9.15 -25.89 49.62
C HIS A 256 8.93 -27.37 49.93
N MET A 257 9.96 -28.08 50.40
CA MET A 257 9.79 -29.50 50.71
C MET A 257 8.79 -29.64 51.88
N VAL A 258 8.91 -28.75 52.85
CA VAL A 258 7.99 -28.83 53.99
C VAL A 258 6.55 -28.62 53.50
N ASN A 259 6.37 -27.79 52.47
CA ASN A 259 5.06 -27.52 51.90
C ASN A 259 4.58 -28.59 50.91
N GLY A 260 5.29 -29.71 50.79
CA GLY A 260 4.85 -30.77 49.88
C GLY A 260 5.44 -30.84 48.47
N VAL A 261 6.58 -30.20 48.24
CA VAL A 261 7.23 -30.24 46.92
C VAL A 261 8.43 -31.20 47.03
N SER A 262 8.53 -32.15 46.08
CA SER A 262 9.64 -33.11 46.12
C SER A 262 10.80 -32.60 45.31
N PHE A 263 12.00 -32.76 45.82
CA PHE A 263 13.21 -32.33 45.13
C PHE A 263 14.13 -33.54 44.99
N VAL A 264 14.53 -33.86 43.76
CA VAL A 264 15.48 -34.95 43.59
C VAL A 264 16.81 -34.49 44.24
N ASN A 265 17.12 -33.21 44.16
CA ASN A 265 18.35 -32.74 44.77
C ASN A 265 18.25 -31.27 45.14
N PRO A 266 17.73 -31.00 46.35
CA PRO A 266 17.57 -29.61 46.81
C PRO A 266 18.86 -28.82 46.96
N GLU A 267 20.00 -29.52 46.95
CA GLU A 267 21.27 -28.81 47.07
C GLU A 267 21.72 -28.31 45.71
N ALA A 268 21.01 -28.74 44.67
CA ALA A 268 21.35 -28.36 43.30
C ALA A 268 20.15 -27.88 42.49
N THR A 269 19.22 -27.22 43.16
CA THR A 269 18.02 -26.70 42.49
C THR A 269 18.02 -25.23 42.90
N TYR A 270 17.84 -24.37 41.91
CA TYR A 270 17.96 -22.93 42.09
C TYR A 270 16.66 -22.17 41.96
N ILE A 271 16.03 -21.94 43.11
CA ILE A 271 14.73 -21.29 43.18
C ILE A 271 14.82 -19.95 43.93
N ASP A 272 14.44 -18.88 43.24
CA ASP A 272 14.47 -17.55 43.81
C ASP A 272 13.55 -17.40 45.01
N ILE A 273 13.90 -16.42 45.84
CA ILE A 273 13.20 -16.15 47.10
C ILE A 273 11.68 -16.00 47.07
N ASP A 274 11.10 -15.43 46.03
CA ASP A 274 9.64 -15.24 46.02
C ASP A 274 8.87 -16.15 45.09
N VAL A 275 9.50 -17.20 44.59
CA VAL A 275 8.81 -18.14 43.71
C VAL A 275 7.78 -18.91 44.53
N GLU A 276 6.58 -19.08 43.99
CA GLU A 276 5.51 -19.83 44.65
C GLU A 276 5.42 -21.16 43.97
N ILE A 277 5.32 -22.22 44.77
CA ILE A 277 5.25 -23.58 44.24
C ILE A 277 4.20 -24.34 45.00
N ALA A 278 3.19 -24.85 44.29
CA ALA A 278 2.10 -25.60 44.92
C ALA A 278 2.53 -27.01 45.38
N PRO A 279 1.77 -27.60 46.32
CA PRO A 279 2.13 -28.94 46.78
C PRO A 279 2.07 -29.99 45.66
N GLU A 280 2.83 -31.05 45.82
CA GLU A 280 2.90 -32.17 44.90
C GLU A 280 3.67 -31.93 43.61
N VAL A 281 4.27 -30.75 43.48
CA VAL A 281 5.10 -30.45 42.34
C VAL A 281 6.36 -31.32 42.53
N GLN A 282 6.91 -31.80 41.42
CA GLN A 282 8.11 -32.63 41.45
C GLN A 282 9.15 -31.86 40.69
N ILE A 283 10.30 -31.64 41.35
CA ILE A 283 11.37 -30.91 40.72
C ILE A 283 12.64 -31.75 40.69
N GLU A 284 13.12 -32.01 39.47
CA GLU A 284 14.33 -32.79 39.34
C GLU A 284 15.45 -31.86 39.71
N ALA A 285 16.66 -32.39 39.72
CA ALA A 285 17.79 -31.54 40.06
C ALA A 285 18.02 -30.56 38.92
N ASN A 286 18.77 -29.50 39.22
CA ASN A 286 19.22 -28.57 38.22
C ASN A 286 18.13 -27.86 37.48
N VAL A 287 17.09 -27.51 38.24
CA VAL A 287 15.98 -26.73 37.72
C VAL A 287 16.18 -25.32 38.28
N ILE A 288 15.89 -24.33 37.44
CA ILE A 288 16.04 -22.92 37.81
C ILE A 288 14.69 -22.21 37.72
N LEU A 289 14.24 -21.59 38.82
CA LEU A 289 12.95 -20.86 38.81
C LEU A 289 13.30 -19.49 39.35
N LYS A 290 13.02 -18.46 38.56
CA LYS A 290 13.40 -17.11 38.94
C LYS A 290 12.30 -16.10 38.89
N GLY A 291 12.48 -15.06 39.70
CA GLY A 291 11.56 -13.95 39.72
C GLY A 291 10.16 -14.27 40.19
N GLN A 292 9.19 -13.62 39.56
CA GLN A 292 7.80 -13.81 39.94
C GLN A 292 7.23 -15.02 39.21
N THR A 293 7.73 -16.18 39.56
CA THR A 293 7.27 -17.44 38.96
C THR A 293 6.35 -18.16 39.92
N LYS A 294 5.35 -18.82 39.37
CA LYS A 294 4.41 -19.57 40.18
C LYS A 294 4.23 -20.91 39.47
N ILE A 295 4.27 -21.99 40.25
CA ILE A 295 4.12 -23.34 39.69
C ILE A 295 2.91 -24.00 40.35
N GLY A 296 1.99 -24.48 39.51
CA GLY A 296 0.79 -25.13 40.00
C GLY A 296 0.97 -26.54 40.46
N ALA A 297 -0.05 -27.02 41.18
CA ALA A 297 -0.04 -28.37 41.76
C ALA A 297 0.26 -29.51 40.77
N GLU A 298 1.02 -30.48 41.27
CA GLU A 298 1.38 -31.70 40.55
C GLU A 298 2.20 -31.51 39.30
N THR A 299 2.61 -30.28 39.04
CA THR A 299 3.44 -30.04 37.85
C THR A 299 4.81 -30.65 38.04
N VAL A 300 5.36 -31.18 36.95
CA VAL A 300 6.66 -31.82 36.95
C VAL A 300 7.61 -30.91 36.20
N LEU A 301 8.77 -30.65 36.82
CA LEU A 301 9.80 -29.81 36.22
C LEU A 301 11.03 -30.69 36.10
N THR A 302 11.49 -30.98 34.89
CA THR A 302 12.65 -31.85 34.74
C THR A 302 13.95 -31.10 34.61
N ASN A 303 15.03 -31.85 34.84
CA ASN A 303 16.38 -31.31 34.83
C ASN A 303 16.64 -30.36 33.70
N GLY A 304 17.12 -29.13 34.02
CA GLY A 304 17.46 -28.17 32.97
C GLY A 304 16.42 -27.09 32.71
N THR A 305 15.20 -27.31 33.19
CA THR A 305 14.13 -26.34 33.03
C THR A 305 14.56 -25.03 33.68
N TYR A 306 14.24 -23.93 33.03
CA TYR A 306 14.63 -22.59 33.44
C TYR A 306 13.41 -21.73 33.22
N VAL A 307 12.81 -21.25 34.31
CA VAL A 307 11.59 -20.47 34.19
C VAL A 307 11.82 -19.13 34.84
N VAL A 308 11.46 -18.08 34.13
CA VAL A 308 11.64 -16.73 34.66
C VAL A 308 10.36 -15.95 34.55
N ASP A 309 9.90 -15.38 35.67
CA ASP A 309 8.69 -14.54 35.69
C ASP A 309 7.54 -15.13 34.87
N SER A 310 7.19 -16.39 35.12
CA SER A 310 6.09 -17.01 34.40
C SER A 310 5.20 -17.74 35.38
N THR A 311 3.98 -17.98 34.95
CA THR A 311 3.03 -18.71 35.75
C THR A 311 2.77 -20.00 35.00
N ILE A 312 2.93 -21.13 35.70
CA ILE A 312 2.71 -22.43 35.08
C ILE A 312 1.58 -23.07 35.88
N GLY A 313 0.63 -23.66 35.16
CA GLY A 313 -0.50 -24.26 35.84
C GLY A 313 -0.24 -25.60 36.50
N ALA A 314 -1.35 -26.29 36.76
CA ALA A 314 -1.33 -27.58 37.42
C ALA A 314 -1.26 -28.72 36.44
N GLY A 315 -0.57 -29.78 36.84
CA GLY A 315 -0.48 -30.96 35.98
C GLY A 315 0.29 -30.76 34.70
N ALA A 316 1.17 -29.77 34.66
CA ALA A 316 1.97 -29.51 33.46
C ALA A 316 3.26 -30.33 33.58
N VAL A 317 3.93 -30.55 32.45
CA VAL A 317 5.21 -31.26 32.49
C VAL A 317 6.12 -30.42 31.66
N ILE A 318 7.11 -29.79 32.32
CA ILE A 318 8.05 -28.91 31.64
C ILE A 318 9.35 -29.72 31.59
N THR A 319 9.70 -30.16 30.39
CA THR A 319 10.85 -30.99 30.23
C THR A 319 11.96 -30.19 29.63
N ASN A 320 13.01 -30.02 30.42
CA ASN A 320 14.23 -29.29 30.01
C ASN A 320 13.95 -28.15 29.01
N SER A 321 13.24 -27.13 29.45
CA SER A 321 12.89 -26.03 28.55
C SER A 321 13.02 -24.74 29.28
N MET A 322 13.13 -23.66 28.50
CA MET A 322 13.31 -22.33 29.06
C MET A 322 12.03 -21.56 28.80
N ILE A 323 11.42 -21.00 29.85
CA ILE A 323 10.15 -20.28 29.69
C ILE A 323 10.31 -18.91 30.36
N GLU A 324 10.04 -17.86 29.60
CA GLU A 324 10.19 -16.48 30.08
C GLU A 324 8.95 -15.61 29.93
N GLU A 325 8.62 -14.84 30.98
CA GLU A 325 7.49 -13.91 30.99
C GLU A 325 6.28 -14.45 30.22
N SER A 326 5.86 -15.65 30.56
CA SER A 326 4.76 -16.28 29.87
C SER A 326 3.76 -16.96 30.81
N SER A 327 2.60 -17.30 30.26
CA SER A 327 1.60 -18.01 31.05
C SER A 327 1.43 -19.37 30.41
N VAL A 328 1.41 -20.40 31.24
CA VAL A 328 1.27 -21.76 30.76
C VAL A 328 0.11 -22.33 31.54
N ALA A 329 -0.90 -22.76 30.82
CA ALA A 329 -2.12 -23.29 31.46
C ALA A 329 -1.97 -24.71 32.01
N ASP A 330 -3.05 -25.20 32.62
CA ASP A 330 -3.03 -26.54 33.18
C ASP A 330 -2.84 -27.62 32.12
N GLY A 331 -2.13 -28.69 32.50
CA GLY A 331 -1.93 -29.83 31.62
C GLY A 331 -1.02 -29.66 30.43
N VAL A 332 -0.34 -28.53 30.34
CA VAL A 332 0.56 -28.30 29.20
C VAL A 332 1.83 -29.11 29.30
N THR A 333 2.32 -29.56 28.14
CA THR A 333 3.58 -30.28 28.10
C THR A 333 4.50 -29.46 27.20
N VAL A 334 5.71 -29.20 27.68
CA VAL A 334 6.68 -28.39 26.92
C VAL A 334 8.03 -29.11 26.96
N GLY A 335 8.66 -29.26 25.79
CA GLY A 335 9.99 -29.84 25.76
C GLY A 335 10.08 -31.25 25.22
N PRO A 336 11.30 -31.81 25.24
CA PRO A 336 12.51 -31.15 25.73
C PRO A 336 13.12 -30.10 24.76
N TYR A 337 13.95 -29.22 25.32
CA TYR A 337 14.64 -28.22 24.52
C TYR A 337 13.70 -27.30 23.74
N ALA A 338 12.75 -26.68 24.45
CA ALA A 338 11.80 -25.74 23.86
C ALA A 338 12.08 -24.40 24.50
N HIS A 339 11.66 -23.32 23.85
CA HIS A 339 11.92 -22.00 24.37
C HIS A 339 10.65 -21.18 24.23
N ILE A 340 9.99 -20.88 25.35
CA ILE A 340 8.77 -20.08 25.34
C ILE A 340 9.25 -18.68 25.78
N ARG A 341 9.29 -17.76 24.82
CA ARG A 341 9.79 -16.40 25.02
C ARG A 341 8.70 -15.47 25.51
N PRO A 342 9.08 -14.25 25.94
CA PRO A 342 8.12 -13.28 26.47
C PRO A 342 6.80 -13.08 25.76
N ASN A 343 5.80 -12.90 26.60
CA ASN A 343 4.46 -12.60 26.14
C ASN A 343 3.78 -13.73 25.39
N SER A 344 4.05 -14.96 25.81
CA SER A 344 3.38 -16.09 25.20
C SER A 344 2.37 -16.66 26.19
N SER A 345 1.28 -17.23 25.69
CA SER A 345 0.32 -17.86 26.57
C SER A 345 0.05 -19.20 25.93
N LEU A 346 0.15 -20.27 26.70
CA LEU A 346 -0.08 -21.59 26.15
C LEU A 346 -1.36 -22.03 26.84
N GLY A 347 -2.39 -22.29 26.04
CA GLY A 347 -3.68 -22.73 26.57
C GLY A 347 -3.66 -24.14 27.12
N ALA A 348 -4.77 -24.50 27.75
CA ALA A 348 -4.86 -25.80 28.38
C ALA A 348 -4.57 -26.97 27.46
N GLN A 349 -3.75 -27.90 27.96
CA GLN A 349 -3.41 -29.14 27.24
C GLN A 349 -2.60 -28.95 25.98
N VAL A 350 -2.06 -27.76 25.80
CA VAL A 350 -1.22 -27.51 24.63
C VAL A 350 0.04 -28.34 24.74
N HIS A 351 0.59 -28.75 23.60
CA HIS A 351 1.85 -29.50 23.59
C HIS A 351 2.84 -28.74 22.73
N ILE A 352 4.00 -28.45 23.29
CA ILE A 352 5.09 -27.78 22.56
C ILE A 352 6.24 -28.81 22.70
N GLY A 353 6.69 -29.36 21.58
CA GLY A 353 7.73 -30.37 21.63
C GLY A 353 9.14 -29.83 21.51
N ASN A 354 10.04 -30.69 21.05
CA ASN A 354 11.43 -30.29 20.96
C ASN A 354 11.81 -29.29 19.87
N PHE A 355 12.74 -28.39 20.23
CA PHE A 355 13.26 -27.38 19.31
C PHE A 355 12.18 -26.48 18.76
N VAL A 356 11.29 -26.06 19.64
CA VAL A 356 10.22 -25.15 19.24
C VAL A 356 10.42 -23.89 20.02
N GLU A 357 10.16 -22.77 19.34
CA GLU A 357 10.29 -21.44 19.92
C GLU A 357 8.94 -20.76 19.72
N VAL A 358 8.39 -20.23 20.81
CA VAL A 358 7.12 -19.51 20.74
C VAL A 358 7.44 -18.15 21.33
N LYS A 359 6.98 -17.11 20.66
CA LYS A 359 7.23 -15.77 21.13
C LYS A 359 6.06 -14.83 20.83
N GLY A 360 5.67 -14.01 21.82
CA GLY A 360 4.58 -13.05 21.64
C GLY A 360 3.35 -13.63 20.97
N SER A 361 3.00 -14.85 21.33
CA SER A 361 1.87 -15.51 20.70
C SER A 361 0.93 -16.12 21.70
N SER A 362 -0.35 -16.17 21.35
CA SER A 362 -1.36 -16.78 22.21
C SER A 362 -1.70 -18.13 21.51
N ILE A 363 -1.64 -19.23 22.24
CA ILE A 363 -1.89 -20.54 21.66
C ILE A 363 -3.10 -21.17 22.35
N GLY A 364 -4.14 -21.41 21.57
CA GLY A 364 -5.38 -21.97 22.09
C GLY A 364 -5.29 -23.38 22.60
N GLU A 365 -6.30 -23.77 23.37
CA GLU A 365 -6.32 -25.09 23.98
C GLU A 365 -6.15 -26.26 23.00
N ASN A 366 -5.42 -27.26 23.48
CA ASN A 366 -5.16 -28.48 22.73
C ASN A 366 -4.37 -28.36 21.43
N THR A 367 -3.79 -27.21 21.18
CA THR A 367 -2.99 -27.05 19.98
C THR A 367 -1.65 -27.74 20.20
N LYS A 368 -1.07 -28.24 19.13
CA LYS A 368 0.20 -28.97 19.24
C LYS A 368 1.21 -28.42 18.26
N ALA A 369 2.45 -28.26 18.71
CA ALA A 369 3.53 -27.82 17.83
C ALA A 369 4.65 -28.72 18.34
N GLY A 370 4.75 -29.91 17.76
CA GLY A 370 5.73 -30.84 18.28
C GLY A 370 7.18 -30.74 17.89
N HIS A 371 7.54 -29.91 16.91
CA HIS A 371 8.94 -29.96 16.53
C HIS A 371 9.52 -28.95 15.58
N LEU A 372 10.72 -28.45 15.92
CA LEU A 372 11.45 -27.59 14.96
C LEU A 372 10.59 -26.51 14.35
N THR A 373 9.90 -25.77 15.20
CA THR A 373 8.94 -24.76 14.74
C THR A 373 9.16 -23.45 15.42
N TYR A 374 8.80 -22.36 14.74
CA TYR A 374 8.90 -21.02 15.31
C TYR A 374 7.51 -20.40 15.12
N ILE A 375 6.91 -19.97 16.22
CA ILE A 375 5.60 -19.32 16.18
C ILE A 375 5.83 -17.97 16.85
N GLY A 376 5.79 -16.92 16.04
CA GLY A 376 6.02 -15.58 16.55
C GLY A 376 4.94 -14.60 16.17
N ASN A 377 4.55 -13.78 17.13
CA ASN A 377 3.49 -12.79 16.90
C ASN A 377 2.26 -13.41 16.23
N CYS A 378 1.80 -14.51 16.78
CA CYS A 378 0.64 -15.17 16.22
C CYS A 378 -0.48 -15.32 17.24
N GLU A 379 -1.71 -15.31 16.75
CA GLU A 379 -2.89 -15.55 17.56
C GLU A 379 -3.34 -16.88 16.96
N VAL A 380 -3.27 -17.91 17.78
CA VAL A 380 -3.54 -19.26 17.31
C VAL A 380 -4.69 -19.87 18.06
N GLY A 381 -5.63 -20.44 17.31
CA GLY A 381 -6.82 -21.04 17.90
C GLY A 381 -6.61 -22.37 18.59
N SER A 382 -7.72 -23.06 18.83
CA SER A 382 -7.67 -24.36 19.52
C SER A 382 -7.55 -25.52 18.55
N ASN A 383 -7.00 -26.64 19.04
CA ASN A 383 -6.88 -27.85 18.24
C ASN A 383 -6.09 -27.69 16.95
N VAL A 384 -5.19 -26.72 16.91
CA VAL A 384 -4.35 -26.48 15.74
C VAL A 384 -3.17 -27.43 15.77
N ASN A 385 -2.69 -27.86 14.61
CA ASN A 385 -1.52 -28.75 14.56
C ASN A 385 -0.45 -28.08 13.70
N PHE A 386 0.75 -27.91 14.24
CA PHE A 386 1.88 -27.36 13.48
C PHE A 386 2.84 -28.50 13.10
N GLY A 387 2.93 -28.81 11.81
CA GLY A 387 3.84 -29.87 11.38
C GLY A 387 5.26 -29.43 11.69
N ALA A 388 6.17 -30.40 11.82
CA ALA A 388 7.57 -30.12 12.09
C ALA A 388 8.16 -29.21 11.03
N GLY A 389 8.96 -28.24 11.46
CA GLY A 389 9.64 -27.33 10.54
C GLY A 389 8.86 -26.12 10.10
N THR A 390 7.69 -25.88 10.70
CA THR A 390 6.82 -24.77 10.34
C THR A 390 7.44 -23.49 10.87
N ILE A 391 7.51 -22.47 10.03
CA ILE A 391 8.06 -21.19 10.43
C ILE A 391 7.04 -20.08 10.18
N THR A 392 6.65 -19.33 11.22
CA THR A 392 5.74 -18.20 11.00
C THR A 392 6.69 -17.02 10.77
N VAL A 393 6.60 -16.40 9.61
CA VAL A 393 7.48 -15.27 9.29
C VAL A 393 6.82 -13.95 9.69
N ASN A 394 7.42 -13.23 10.63
CA ASN A 394 6.79 -12.02 11.14
C ASN A 394 7.58 -10.73 11.03
N TYR A 395 8.75 -10.78 10.44
CA TYR A 395 9.56 -9.60 10.44
C TYR A 395 10.14 -9.34 9.07
N ASP A 396 10.20 -8.07 8.67
CA ASP A 396 10.73 -7.73 7.34
C ASP A 396 12.01 -6.90 7.40
N GLY A 397 12.62 -6.87 8.57
CA GLY A 397 13.85 -6.10 8.73
C GLY A 397 13.56 -4.74 9.35
N LYS A 398 12.29 -4.40 9.49
CA LYS A 398 11.95 -3.11 10.08
C LYS A 398 10.76 -3.23 11.00
N ASN A 399 9.70 -3.87 10.51
CA ASN A 399 8.48 -4.06 11.30
C ASN A 399 8.11 -5.52 11.47
N LYS A 400 7.22 -5.77 12.43
CA LYS A 400 6.72 -7.09 12.78
C LYS A 400 5.26 -7.12 12.33
N TYR A 401 4.83 -8.28 11.85
CA TYR A 401 3.46 -8.45 11.36
C TYR A 401 2.84 -9.64 12.06
N LYS A 402 1.53 -9.59 12.22
CA LYS A 402 0.82 -10.64 12.92
C LYS A 402 0.11 -11.64 12.01
N THR A 403 0.04 -12.87 12.47
CA THR A 403 -0.67 -13.91 11.74
C THR A 403 -1.74 -14.46 12.64
N VAL A 404 -2.93 -14.68 12.08
CA VAL A 404 -4.05 -15.24 12.86
C VAL A 404 -4.31 -16.62 12.32
N ILE A 405 -4.38 -17.60 13.22
CA ILE A 405 -4.63 -18.98 12.80
C ILE A 405 -5.88 -19.43 13.54
N GLY A 406 -6.86 -19.92 12.78
CA GLY A 406 -8.12 -20.33 13.35
C GLY A 406 -8.05 -21.64 14.09
N ASP A 407 -9.22 -22.19 14.42
CA ASP A 407 -9.29 -23.47 15.12
C ASP A 407 -9.19 -24.64 14.14
N ASN A 408 -8.57 -25.72 14.62
CA ASN A 408 -8.45 -26.94 13.86
C ASN A 408 -7.67 -26.83 12.58
N VAL A 409 -6.82 -25.82 12.49
CA VAL A 409 -6.01 -25.64 11.29
C VAL A 409 -4.86 -26.64 11.33
N PHE A 410 -4.49 -27.15 10.15
CA PHE A 410 -3.41 -28.12 10.02
C PHE A 410 -2.31 -27.43 9.21
N VAL A 411 -1.24 -27.01 9.86
CA VAL A 411 -0.17 -26.32 9.16
C VAL A 411 0.88 -27.35 8.80
N GLY A 412 0.95 -27.65 7.51
CA GLY A 412 1.87 -28.67 7.01
C GLY A 412 3.31 -28.48 7.42
N SER A 413 4.02 -29.60 7.54
CA SER A 413 5.45 -29.59 7.88
C SER A 413 6.26 -28.75 6.95
N ASN A 414 7.28 -28.07 7.50
CA ASN A 414 8.17 -27.26 6.67
C ASN A 414 7.47 -26.16 5.85
N SER A 415 6.35 -25.64 6.34
CA SER A 415 5.69 -24.55 5.63
C SER A 415 6.27 -23.26 6.16
N THR A 416 6.08 -22.20 5.37
CA THR A 416 6.60 -20.88 5.69
C THR A 416 5.39 -19.97 5.59
N ILE A 417 4.96 -19.41 6.72
CA ILE A 417 3.75 -18.57 6.74
C ILE A 417 4.15 -17.10 6.86
N ILE A 418 3.98 -16.34 5.78
CA ILE A 418 4.44 -14.96 5.77
C ILE A 418 3.35 -13.98 6.16
N ALA A 419 3.52 -13.42 7.35
CA ALA A 419 2.57 -12.47 7.91
C ALA A 419 2.60 -11.17 7.11
N PRO A 420 1.49 -10.40 7.15
CA PRO A 420 0.28 -10.72 7.87
C PRO A 420 -0.72 -11.53 7.04
N VAL A 421 -1.15 -12.69 7.55
CA VAL A 421 -2.14 -13.51 6.85
C VAL A 421 -3.00 -14.20 7.89
N GLU A 422 -4.13 -14.73 7.43
CA GLU A 422 -5.03 -15.44 8.31
C GLU A 422 -5.26 -16.81 7.72
N LEU A 423 -5.21 -17.85 8.55
CA LEU A 423 -5.49 -19.21 8.12
C LEU A 423 -6.84 -19.48 8.78
N GLY A 424 -7.88 -19.63 7.94
CA GLY A 424 -9.22 -19.84 8.44
C GLY A 424 -9.43 -21.19 9.07
N ASP A 425 -10.48 -21.27 9.88
CA ASP A 425 -10.81 -22.50 10.58
C ASP A 425 -10.81 -23.70 9.66
N ASN A 426 -10.27 -24.80 10.20
CA ASN A 426 -10.20 -26.11 9.56
C ASN A 426 -9.34 -26.20 8.30
N SER A 427 -8.70 -25.10 7.91
CA SER A 427 -7.89 -25.12 6.69
C SER A 427 -6.65 -25.97 6.85
N LEU A 428 -6.04 -26.32 5.72
CA LEU A 428 -4.83 -27.09 5.73
C LEU A 428 -3.80 -26.43 4.80
N VAL A 429 -2.57 -26.27 5.30
CA VAL A 429 -1.50 -25.71 4.48
C VAL A 429 -0.66 -26.93 4.09
N GLY A 430 -0.46 -27.15 2.80
CA GLY A 430 0.32 -28.30 2.36
C GLY A 430 1.75 -28.20 2.86
N ALA A 431 2.34 -29.33 3.23
CA ALA A 431 3.70 -29.38 3.72
C ALA A 431 4.64 -28.82 2.64
N GLY A 432 5.65 -28.09 3.08
CA GLY A 432 6.63 -27.53 2.17
C GLY A 432 6.14 -26.25 1.51
N SER A 433 4.95 -25.77 1.86
CA SER A 433 4.40 -24.57 1.24
C SER A 433 4.80 -23.21 1.81
N THR A 434 4.96 -22.25 0.92
CA THR A 434 5.20 -20.89 1.35
C THR A 434 3.83 -20.23 1.15
N ILE A 435 3.32 -19.62 2.22
CA ILE A 435 2.02 -18.97 2.21
C ILE A 435 2.19 -17.46 2.35
N THR A 436 1.72 -16.72 1.33
CA THR A 436 1.81 -15.27 1.30
C THR A 436 0.43 -14.61 1.36
N LYS A 437 -0.63 -15.40 1.23
CA LYS A 437 -2.01 -14.90 1.23
C LYS A 437 -2.94 -15.64 2.19
N ASP A 438 -4.02 -14.98 2.59
CA ASP A 438 -4.97 -15.61 3.50
C ASP A 438 -5.43 -16.93 2.91
N VAL A 439 -5.74 -17.87 3.80
CA VAL A 439 -6.26 -19.16 3.41
C VAL A 439 -7.66 -19.23 4.01
N PRO A 440 -8.72 -19.29 3.18
CA PRO A 440 -10.09 -19.33 3.72
C PRO A 440 -10.39 -20.54 4.58
N ALA A 441 -11.35 -20.37 5.48
CA ALA A 441 -11.78 -21.48 6.33
C ALA A 441 -12.17 -22.65 5.39
N ASP A 442 -11.84 -23.86 5.79
CA ASP A 442 -12.13 -25.08 5.01
C ASP A 442 -11.39 -25.24 3.70
N ALA A 443 -10.43 -24.38 3.41
CA ALA A 443 -9.68 -24.53 2.18
C ALA A 443 -8.37 -25.19 2.44
N ILE A 444 -7.69 -25.55 1.36
CA ILE A 444 -6.34 -26.05 1.49
C ILE A 444 -5.56 -25.08 0.63
N ALA A 445 -4.29 -24.94 0.98
CA ALA A 445 -3.43 -24.04 0.25
C ALA A 445 -2.13 -24.77 0.02
N ILE A 446 -1.63 -24.71 -1.21
CA ILE A 446 -0.40 -25.39 -1.56
C ILE A 446 0.48 -24.41 -2.31
N GLY A 447 1.73 -24.25 -1.87
CA GLY A 447 2.64 -23.31 -2.51
C GLY A 447 4.01 -23.96 -2.54
N ARG A 448 4.18 -24.92 -3.46
CA ARG A 448 5.44 -25.65 -3.55
C ARG A 448 5.64 -26.23 -4.94
N GLY A 449 6.89 -26.54 -5.29
CA GLY A 449 7.17 -27.08 -6.61
C GLY A 449 6.73 -28.52 -6.72
N ARG A 450 6.33 -28.96 -7.91
CA ARG A 450 5.94 -30.37 -8.06
C ARG A 450 7.20 -31.24 -8.23
N GLN A 451 7.14 -32.45 -7.71
CA GLN A 451 8.28 -33.36 -7.78
C GLN A 451 8.48 -33.92 -9.16
N ILE A 452 9.72 -33.88 -9.63
CA ILE A 452 10.11 -34.44 -10.92
C ILE A 452 11.23 -35.44 -10.62
N ASN A 453 11.15 -36.66 -11.18
CA ASN A 453 12.19 -37.66 -10.97
C ASN A 453 13.03 -37.80 -12.25
N LYS A 454 14.34 -37.87 -12.08
CA LYS A 454 15.24 -38.01 -13.23
C LYS A 454 15.86 -39.39 -13.08
N ASP A 455 15.43 -40.32 -13.93
CA ASP A 455 15.91 -41.68 -13.84
C ASP A 455 17.41 -41.78 -14.06
N GLU A 456 18.06 -42.56 -13.19
CA GLU A 456 19.50 -42.83 -13.21
C GLU A 456 20.44 -41.63 -13.01
N TYR A 457 19.88 -40.44 -12.85
CA TYR A 457 20.70 -39.25 -12.68
CA TYR A 457 20.73 -39.26 -12.69
C TYR A 457 21.66 -39.31 -11.47
N ALA A 458 21.26 -40.04 -10.43
CA ALA A 458 22.09 -40.11 -9.23
C ALA A 458 23.46 -40.74 -9.46
N THR A 459 23.54 -41.68 -10.40
CA THR A 459 24.82 -42.34 -10.71
C THR A 459 25.86 -41.33 -11.16
N ARG A 460 25.42 -40.14 -11.54
CA ARG A 460 26.33 -39.10 -12.00
C ARG A 460 26.77 -38.15 -10.90
N LEU A 461 26.23 -38.33 -9.68
CA LEU A 461 26.58 -37.40 -8.60
C LEU A 461 27.61 -37.91 -7.59
N PRO A 462 28.35 -36.98 -6.94
CA PRO A 462 29.38 -37.29 -5.93
C PRO A 462 29.01 -38.24 -4.80
N HIS A 463 27.75 -38.24 -4.36
CA HIS A 463 27.35 -39.11 -3.24
C HIS A 463 27.17 -40.55 -3.66
N HIS A 464 26.98 -40.80 -4.96
CA HIS A 464 26.78 -42.17 -5.41
C HIS A 464 27.98 -43.06 -5.13
N PRO A 465 27.74 -44.29 -4.62
CA PRO A 465 28.78 -45.27 -4.31
C PRO A 465 29.72 -45.55 -5.47
N LYS A 466 29.22 -45.53 -6.70
CA LYS A 466 30.11 -45.81 -7.82
C LYS A 466 31.04 -44.63 -8.13
N ASN A 467 30.88 -43.51 -7.43
CA ASN A 467 31.74 -42.36 -7.68
C ASN A 467 32.68 -42.04 -6.53
N GLN A 468 33.18 -43.09 -5.89
CA GLN A 468 34.12 -42.95 -4.78
C GLN A 468 34.62 -44.32 -4.35
N SER B 11 -33.10 -7.16 -63.62
CA SER B 11 -32.02 -6.96 -62.59
C SER B 11 -31.14 -5.76 -62.89
N ASN B 12 -30.71 -5.09 -61.83
CA ASN B 12 -29.83 -3.94 -61.93
C ASN B 12 -28.49 -4.32 -61.30
N PHE B 13 -27.39 -4.01 -61.97
CA PHE B 13 -26.09 -4.30 -61.41
C PHE B 13 -25.31 -3.01 -61.37
N ALA B 14 -24.26 -2.97 -60.55
CA ALA B 14 -23.47 -1.77 -60.42
C ALA B 14 -21.99 -2.13 -60.33
N ILE B 15 -21.20 -1.38 -61.08
CA ILE B 15 -19.76 -1.54 -61.11
C ILE B 15 -19.18 -0.20 -60.66
N ILE B 16 -18.38 -0.22 -59.59
CA ILE B 16 -17.76 1.00 -59.10
C ILE B 16 -16.24 0.89 -59.36
N LEU B 17 -15.70 1.87 -60.08
CA LEU B 17 -14.27 1.84 -60.42
C LEU B 17 -13.46 2.54 -59.36
N ALA B 18 -12.60 1.80 -58.66
CA ALA B 18 -11.83 2.42 -57.59
C ALA B 18 -10.43 1.85 -57.45
N ALA B 19 -9.82 1.48 -58.59
CA ALA B 19 -8.50 0.88 -58.54
C ALA B 19 -7.40 1.77 -59.09
N GLY B 20 -7.78 2.93 -59.61
CA GLY B 20 -6.82 3.86 -60.20
C GLY B 20 -5.75 4.38 -59.26
N LYS B 21 -4.59 4.74 -59.83
CA LYS B 21 -3.47 5.24 -59.04
C LYS B 21 -3.59 6.68 -58.50
N GLY B 22 -4.41 7.49 -59.16
CA GLY B 22 -4.62 8.87 -58.73
C GLY B 22 -3.32 9.68 -58.61
N THR B 23 -2.43 9.51 -59.56
CA THR B 23 -1.14 10.18 -59.52
C THR B 23 -1.28 11.68 -59.28
N ARG B 24 -2.25 12.28 -59.94
CA ARG B 24 -2.50 13.69 -59.84
C ARG B 24 -2.89 14.10 -58.40
N MET B 25 -3.31 13.15 -57.57
CA MET B 25 -3.65 13.47 -56.19
C MET B 25 -2.39 13.70 -55.35
N LYS B 26 -1.25 13.19 -55.82
CA LYS B 26 0.01 13.37 -55.12
C LYS B 26 -0.17 12.94 -53.69
N SER B 27 -0.67 11.73 -53.53
CA SER B 27 -0.96 11.22 -52.22
C SER B 27 -0.63 9.73 -52.05
N ASP B 28 -0.28 9.37 -50.81
CA ASP B 28 0.02 8.00 -50.42
C ASP B 28 -1.33 7.26 -50.21
N LEU B 29 -2.39 8.03 -50.02
CA LEU B 29 -3.72 7.47 -49.80
C LEU B 29 -4.44 7.36 -51.13
N PRO B 30 -5.04 6.20 -51.40
CA PRO B 30 -5.77 5.99 -52.65
C PRO B 30 -6.78 7.14 -52.84
N LYS B 31 -6.80 7.73 -54.03
CA LYS B 31 -7.66 8.87 -54.32
C LYS B 31 -9.10 8.70 -53.83
N VAL B 32 -9.73 7.57 -54.12
CA VAL B 32 -11.13 7.38 -53.72
C VAL B 32 -11.35 7.41 -52.20
N LEU B 33 -10.30 7.27 -51.40
CA LEU B 33 -10.46 7.31 -49.94
C LEU B 33 -10.34 8.72 -49.33
N HIS B 34 -9.97 9.71 -50.15
CA HIS B 34 -9.88 11.08 -49.65
C HIS B 34 -11.29 11.50 -49.27
N LYS B 35 -11.41 12.14 -48.12
CA LYS B 35 -12.73 12.53 -47.62
C LYS B 35 -13.34 13.84 -48.14
N VAL B 36 -14.67 13.85 -48.18
CA VAL B 36 -15.48 15.00 -48.56
C VAL B 36 -16.59 15.01 -47.51
N ALA B 37 -16.60 16.06 -46.71
CA ALA B 37 -17.59 16.23 -45.65
C ALA B 37 -17.61 15.06 -44.68
N GLY B 38 -16.43 14.54 -44.36
CA GLY B 38 -16.38 13.48 -43.38
C GLY B 38 -16.33 12.01 -43.78
N ILE B 39 -16.62 11.70 -45.04
CA ILE B 39 -16.53 10.30 -45.48
C ILE B 39 -15.84 10.27 -46.83
N SER B 40 -15.26 9.13 -47.18
CA SER B 40 -14.53 9.00 -48.44
C SER B 40 -15.40 9.27 -49.66
N MET B 41 -14.76 9.70 -50.75
CA MET B 41 -15.52 9.95 -51.97
C MET B 41 -16.21 8.63 -52.33
N LEU B 42 -15.49 7.53 -52.16
CA LEU B 42 -16.02 6.21 -52.48
C LEU B 42 -17.31 5.92 -51.70
N GLU B 43 -17.36 6.33 -50.44
CA GLU B 43 -18.59 6.10 -49.69
C GLU B 43 -19.75 6.97 -50.20
N HIS B 44 -19.47 8.18 -50.66
CA HIS B 44 -20.57 8.99 -51.21
C HIS B 44 -21.10 8.23 -52.45
N VAL B 45 -20.19 7.72 -53.28
CA VAL B 45 -20.57 6.99 -54.49
C VAL B 45 -21.37 5.74 -54.10
N PHE B 46 -20.93 5.02 -53.07
CA PHE B 46 -21.65 3.84 -52.62
CA PHE B 46 -21.67 3.83 -52.66
C PHE B 46 -23.08 4.21 -52.22
N ARG B 47 -23.21 5.33 -51.51
CA ARG B 47 -24.55 5.74 -51.08
C ARG B 47 -25.46 6.05 -52.27
N SER B 48 -24.91 6.68 -53.29
CA SER B 48 -25.74 6.98 -54.45
C SER B 48 -26.11 5.69 -55.19
N VAL B 49 -25.15 4.79 -55.35
CA VAL B 49 -25.38 3.52 -56.04
C VAL B 49 -26.50 2.76 -55.31
N GLY B 50 -26.52 2.88 -53.99
CA GLY B 50 -27.53 2.21 -53.21
C GLY B 50 -28.95 2.57 -53.63
N ALA B 51 -29.11 3.76 -54.20
CA ALA B 51 -30.43 4.24 -54.60
C ALA B 51 -31.07 3.43 -55.73
N ILE B 52 -30.26 2.79 -56.56
CA ILE B 52 -30.82 2.00 -57.64
C ILE B 52 -31.04 0.55 -57.22
N GLN B 53 -30.73 0.26 -55.96
CA GLN B 53 -30.92 -1.08 -55.40
C GLN B 53 -30.45 -2.21 -56.31
N PRO B 54 -29.17 -2.21 -56.66
CA PRO B 54 -28.62 -3.25 -57.53
C PRO B 54 -28.62 -4.61 -56.86
N GLU B 55 -28.91 -5.65 -57.64
CA GLU B 55 -28.91 -7.01 -57.15
C GLU B 55 -27.49 -7.46 -56.90
N LYS B 56 -26.55 -6.78 -57.55
CA LYS B 56 -25.15 -7.09 -57.39
CA LYS B 56 -25.14 -7.10 -57.41
C LYS B 56 -24.33 -5.81 -57.53
N THR B 57 -23.37 -5.64 -56.63
CA THR B 57 -22.51 -4.47 -56.68
C THR B 57 -21.08 -4.98 -56.68
N VAL B 58 -20.31 -4.57 -57.67
CA VAL B 58 -18.93 -5.01 -57.76
C VAL B 58 -18.02 -3.77 -57.80
N THR B 59 -17.09 -3.70 -56.86
CA THR B 59 -16.16 -2.58 -56.81
C THR B 59 -14.82 -3.13 -57.23
N VAL B 60 -14.21 -2.45 -58.20
CA VAL B 60 -12.92 -2.86 -58.73
C VAL B 60 -11.83 -2.13 -57.94
N VAL B 61 -10.95 -2.90 -57.32
CA VAL B 61 -9.85 -2.34 -56.55
C VAL B 61 -8.52 -2.76 -57.19
N GLY B 62 -7.47 -2.00 -56.91
CA GLY B 62 -6.18 -2.30 -57.47
C GLY B 62 -5.10 -1.63 -56.66
N HIS B 63 -4.84 -0.37 -56.98
CA HIS B 63 -3.84 0.41 -56.27
C HIS B 63 -4.18 0.42 -54.79
N LYS B 64 -3.36 -0.24 -53.97
CA LYS B 64 -3.60 -0.30 -52.54
C LYS B 64 -4.99 -0.85 -52.23
N ALA B 65 -5.35 -1.93 -52.93
CA ALA B 65 -6.65 -2.57 -52.76
C ALA B 65 -6.90 -2.91 -51.30
N GLU B 66 -5.81 -3.24 -50.60
CA GLU B 66 -5.87 -3.58 -49.18
C GLU B 66 -6.68 -2.54 -48.42
N LEU B 67 -6.23 -1.31 -48.49
CA LEU B 67 -6.89 -0.18 -47.83
C LEU B 67 -8.32 0.06 -48.27
N VAL B 68 -8.56 0.05 -49.58
CA VAL B 68 -9.90 0.32 -50.09
C VAL B 68 -10.92 -0.71 -49.62
N GLU B 69 -10.54 -1.97 -49.58
CA GLU B 69 -11.45 -3.01 -49.14
C GLU B 69 -11.89 -2.82 -47.70
N GLU B 70 -11.18 -1.96 -46.98
CA GLU B 70 -11.51 -1.67 -45.59
C GLU B 70 -12.96 -1.21 -45.48
N VAL B 71 -13.22 0.02 -45.89
CA VAL B 71 -14.56 0.60 -45.83
C VAL B 71 -15.55 -0.22 -46.64
N LEU B 72 -16.65 -0.63 -46.00
CA LEU B 72 -17.68 -1.43 -46.66
C LEU B 72 -17.03 -2.63 -47.33
N ALA B 73 -16.60 -3.58 -46.50
CA ALA B 73 -15.93 -4.79 -46.96
C ALA B 73 -16.92 -5.91 -47.25
N GLY B 74 -18.20 -5.66 -47.00
CA GLY B 74 -19.20 -6.67 -47.26
C GLY B 74 -20.45 -6.11 -47.91
N GLN B 75 -20.49 -4.79 -48.07
CA GLN B 75 -21.64 -4.13 -48.67
C GLN B 75 -21.54 -4.16 -50.21
N THR B 76 -20.56 -4.90 -50.69
CA THR B 76 -20.31 -5.04 -52.12
C THR B 76 -19.32 -6.16 -52.37
N GLU B 77 -19.27 -6.60 -53.62
CA GLU B 77 -18.35 -7.63 -54.03
C GLU B 77 -17.11 -6.86 -54.46
N PHE B 78 -15.95 -7.50 -54.35
CA PHE B 78 -14.70 -6.87 -54.75
C PHE B 78 -14.00 -7.69 -55.80
N VAL B 79 -13.34 -7.00 -56.74
CA VAL B 79 -12.55 -7.66 -57.77
C VAL B 79 -11.27 -6.87 -57.89
N THR B 80 -10.16 -7.60 -57.98
CA THR B 80 -8.87 -6.94 -58.06
C THR B 80 -8.38 -6.73 -59.49
N GLN B 81 -7.86 -5.54 -59.73
CA GLN B 81 -7.27 -5.21 -61.02
C GLN B 81 -5.79 -5.09 -60.67
N SER B 82 -5.04 -6.16 -60.94
CA SER B 82 -3.60 -6.23 -60.65
C SER B 82 -2.85 -5.04 -61.24
N GLU B 83 -3.08 -4.77 -62.52
CA GLU B 83 -2.45 -3.64 -63.18
C GLU B 83 -3.54 -2.68 -63.63
N GLN B 84 -3.34 -1.38 -63.37
CA GLN B 84 -4.29 -0.35 -63.77
C GLN B 84 -4.07 0.01 -65.23
N LEU B 85 -4.69 -0.78 -66.11
CA LEU B 85 -4.56 -0.60 -67.54
C LEU B 85 -5.68 0.25 -68.17
N GLY B 86 -6.56 0.80 -67.35
CA GLY B 86 -7.63 1.62 -67.91
C GLY B 86 -9.00 1.33 -67.33
N THR B 87 -9.91 2.30 -67.45
CA THR B 87 -11.26 2.18 -66.94
C THR B 87 -11.96 1.04 -67.65
N GLY B 88 -11.66 0.87 -68.94
CA GLY B 88 -12.23 -0.21 -69.71
C GLY B 88 -11.81 -1.55 -69.18
N HIS B 89 -10.50 -1.68 -68.92
CA HIS B 89 -9.91 -2.90 -68.39
C HIS B 89 -10.41 -3.18 -66.98
N ALA B 90 -10.63 -2.12 -66.20
CA ALA B 90 -11.15 -2.28 -64.84
C ALA B 90 -12.51 -3.00 -64.92
N VAL B 91 -13.37 -2.56 -65.83
CA VAL B 91 -14.68 -3.20 -65.99
C VAL B 91 -14.51 -4.68 -66.40
N MET B 92 -13.47 -4.98 -67.17
CA MET B 92 -13.23 -6.35 -67.59
C MET B 92 -13.00 -7.25 -66.39
N MET B 93 -12.36 -6.69 -65.36
CA MET B 93 -12.08 -7.44 -64.15
C MET B 93 -13.37 -7.98 -63.51
N THR B 94 -14.52 -7.39 -63.82
CA THR B 94 -15.78 -7.86 -63.23
C THR B 94 -16.42 -8.98 -64.05
N GLU B 95 -15.80 -9.32 -65.18
CA GLU B 95 -16.34 -10.37 -66.06
C GLU B 95 -16.67 -11.69 -65.34
N PRO B 96 -15.77 -12.18 -64.48
CA PRO B 96 -16.08 -13.44 -63.79
C PRO B 96 -17.39 -13.42 -63.00
N ILE B 97 -17.83 -12.22 -62.62
CA ILE B 97 -19.05 -12.13 -61.84
C ILE B 97 -20.27 -11.72 -62.66
N LEU B 98 -20.08 -10.80 -63.59
CA LEU B 98 -21.21 -10.28 -64.35
C LEU B 98 -21.40 -10.75 -65.77
N GLU B 99 -20.35 -11.23 -66.42
CA GLU B 99 -20.52 -11.63 -67.81
C GLU B 99 -21.56 -12.74 -67.87
N GLY B 100 -22.43 -12.68 -68.85
CA GLY B 100 -23.42 -13.72 -68.96
C GLY B 100 -24.76 -13.41 -68.33
N LEU B 101 -24.81 -12.44 -67.43
CA LEU B 101 -26.08 -12.10 -66.81
C LEU B 101 -26.81 -11.09 -67.67
N SER B 102 -28.14 -11.06 -67.53
CA SER B 102 -28.97 -10.12 -68.26
C SER B 102 -29.44 -9.03 -67.29
N GLY B 103 -29.50 -7.80 -67.76
CA GLY B 103 -29.94 -6.71 -66.91
C GLY B 103 -29.33 -5.40 -67.34
N HIS B 104 -29.42 -4.39 -66.46
CA HIS B 104 -28.87 -3.05 -66.74
C HIS B 104 -27.72 -2.83 -65.79
N THR B 105 -26.54 -2.50 -66.32
CA THR B 105 -25.40 -2.34 -65.46
C THR B 105 -24.94 -0.88 -65.39
N LEU B 106 -24.92 -0.36 -64.17
CA LEU B 106 -24.48 0.99 -63.93
C LEU B 106 -22.98 0.94 -63.74
N VAL B 107 -22.25 1.81 -64.43
CA VAL B 107 -20.81 1.89 -64.26
C VAL B 107 -20.57 3.30 -63.73
N ILE B 108 -19.83 3.42 -62.62
CA ILE B 108 -19.58 4.72 -62.04
C ILE B 108 -18.16 4.84 -61.43
N ALA B 109 -17.60 6.03 -61.50
CA ALA B 109 -16.24 6.22 -60.97
C ALA B 109 -16.29 6.49 -59.47
N GLY B 110 -15.23 6.13 -58.76
CA GLY B 110 -15.21 6.33 -57.33
C GLY B 110 -14.71 7.71 -56.98
N ASP B 111 -14.45 8.52 -58.01
CA ASP B 111 -13.97 9.88 -57.78
C ASP B 111 -14.94 10.97 -58.23
N THR B 112 -16.22 10.63 -58.31
CA THR B 112 -17.27 11.58 -58.69
C THR B 112 -18.29 11.48 -57.55
N PRO B 113 -17.94 12.03 -56.38
CA PRO B 113 -18.75 12.02 -55.16
C PRO B 113 -19.99 12.86 -55.08
N LEU B 114 -20.20 13.74 -56.05
CA LEU B 114 -21.35 14.61 -56.02
C LEU B 114 -22.54 14.07 -56.78
N ILE B 115 -22.37 12.99 -57.53
CA ILE B 115 -23.52 12.45 -58.26
C ILE B 115 -24.46 11.88 -57.20
N THR B 116 -25.73 12.26 -57.25
CA THR B 116 -26.69 11.79 -56.25
C THR B 116 -27.42 10.50 -56.62
N GLY B 117 -28.00 9.86 -55.61
CA GLY B 117 -28.76 8.64 -55.88
C GLY B 117 -29.96 8.99 -56.75
N GLU B 118 -30.53 10.17 -56.53
CA GLU B 118 -31.67 10.63 -57.32
C GLU B 118 -31.31 10.76 -58.80
N SER B 119 -30.11 11.28 -59.08
CA SER B 119 -29.67 11.41 -60.46
C SER B 119 -29.49 10.02 -61.09
N LEU B 120 -28.93 9.06 -60.33
CA LEU B 120 -28.74 7.71 -60.85
C LEU B 120 -30.11 7.05 -61.11
N LYS B 121 -31.08 7.26 -60.21
CA LYS B 121 -32.39 6.69 -60.44
C LYS B 121 -32.99 7.29 -61.70
N ASN B 122 -32.74 8.57 -61.94
CA ASN B 122 -33.22 9.24 -63.15
C ASN B 122 -32.50 8.67 -64.39
N LEU B 123 -31.20 8.43 -64.23
CA LEU B 123 -30.40 7.90 -65.33
C LEU B 123 -30.93 6.53 -65.75
N ILE B 124 -31.12 5.65 -64.77
CA ILE B 124 -31.65 4.31 -65.03
C ILE B 124 -33.03 4.35 -65.68
N ASP B 125 -33.91 5.21 -65.15
CA ASP B 125 -35.26 5.34 -65.68
CA ASP B 125 -35.26 5.30 -65.70
C ASP B 125 -35.21 5.74 -67.15
N PHE B 126 -34.38 6.74 -67.45
CA PHE B 126 -34.24 7.22 -68.81
C PHE B 126 -33.69 6.10 -69.72
N HIS B 127 -32.73 5.34 -69.23
CA HIS B 127 -32.13 4.24 -70.01
C HIS B 127 -33.22 3.24 -70.42
N ILE B 128 -34.06 2.88 -69.47
CA ILE B 128 -35.16 1.94 -69.69
C ILE B 128 -36.24 2.48 -70.61
N ASN B 129 -36.76 3.68 -70.31
CA ASN B 129 -37.81 4.24 -71.15
C ASN B 129 -37.39 4.45 -72.60
N HIS B 130 -36.14 4.84 -72.82
CA HIS B 130 -35.67 5.08 -74.18
C HIS B 130 -35.16 3.81 -74.83
N LYS B 131 -35.11 2.74 -74.05
CA LYS B 131 -34.66 1.44 -74.53
C LYS B 131 -33.27 1.54 -75.16
N ASN B 132 -32.34 2.20 -74.46
CA ASN B 132 -30.98 2.34 -74.97
C ASN B 132 -30.17 1.11 -74.64
N VAL B 133 -29.12 0.88 -75.41
CA VAL B 133 -28.21 -0.21 -75.10
C VAL B 133 -27.18 0.47 -74.18
N ALA B 134 -27.00 1.78 -74.35
CA ALA B 134 -26.08 2.53 -73.50
C ALA B 134 -26.57 3.96 -73.30
N THR B 135 -26.55 4.41 -72.04
CA THR B 135 -26.96 5.77 -71.73
C THR B 135 -25.80 6.37 -70.95
N ILE B 136 -25.35 7.54 -71.38
CA ILE B 136 -24.23 8.20 -70.72
C ILE B 136 -24.80 9.33 -69.88
N LEU B 137 -24.29 9.48 -68.66
CA LEU B 137 -24.76 10.58 -67.82
C LEU B 137 -23.85 11.75 -68.21
N THR B 138 -24.42 12.86 -68.68
CA THR B 138 -23.60 13.99 -69.14
C THR B 138 -23.96 15.31 -68.44
N ALA B 139 -23.15 16.33 -68.69
CA ALA B 139 -23.37 17.68 -68.14
C ALA B 139 -22.65 18.63 -69.07
N GLU B 140 -22.84 19.92 -68.83
CA GLU B 140 -22.14 20.93 -69.61
C GLU B 140 -21.27 21.76 -68.67
N THR B 141 -20.10 22.17 -69.13
CA THR B 141 -19.21 23.01 -68.33
C THR B 141 -18.37 23.90 -69.23
N ASP B 142 -18.07 25.11 -68.77
CA ASP B 142 -17.24 26.01 -69.56
C ASP B 142 -15.79 25.58 -69.49
N ASN B 143 -15.45 24.77 -68.49
CA ASN B 143 -14.08 24.29 -68.32
C ASN B 143 -14.04 22.76 -68.34
N PRO B 144 -14.14 22.16 -69.55
CA PRO B 144 -14.13 20.71 -69.74
C PRO B 144 -12.78 20.03 -69.77
N PHE B 145 -11.71 20.80 -69.54
CA PHE B 145 -10.38 20.24 -69.56
C PHE B 145 -10.28 18.97 -68.71
N GLY B 146 -9.74 17.91 -69.30
CA GLY B 146 -9.56 16.64 -68.62
C GLY B 146 -10.72 15.65 -68.71
N TYR B 147 -11.89 16.16 -69.08
CA TYR B 147 -13.11 15.34 -69.21
C TYR B 147 -13.26 14.81 -70.62
N GLY B 148 -13.82 13.61 -70.75
CA GLY B 148 -14.07 13.10 -72.08
C GLY B 148 -15.18 13.99 -72.64
N ARG B 149 -15.11 14.29 -73.94
CA ARG B 149 -16.10 15.15 -74.58
C ARG B 149 -17.12 14.30 -75.31
N ILE B 150 -18.38 14.71 -75.27
CA ILE B 150 -19.44 13.95 -75.96
C ILE B 150 -19.55 14.42 -77.41
N VAL B 151 -19.13 13.59 -78.36
CA VAL B 151 -19.20 13.97 -79.77
C VAL B 151 -20.53 13.54 -80.41
N ARG B 152 -21.25 14.51 -80.97
CA ARG B 152 -22.51 14.24 -81.62
C ARG B 152 -22.46 14.65 -83.10
N ASN B 153 -23.49 14.27 -83.85
CA ASN B 153 -23.56 14.66 -85.26
C ASN B 153 -24.59 15.77 -85.37
N ASP B 154 -24.81 16.25 -86.60
CA ASP B 154 -25.76 17.32 -86.85
C ASP B 154 -27.13 17.00 -86.28
N ASN B 155 -27.45 15.72 -86.18
CA ASN B 155 -28.74 15.32 -85.65
C ASN B 155 -28.70 15.10 -84.14
N ALA B 156 -27.65 15.62 -83.50
CA ALA B 156 -27.49 15.49 -82.06
C ALA B 156 -27.38 14.02 -81.60
N GLU B 157 -26.98 13.15 -82.52
CA GLU B 157 -26.82 11.74 -82.17
C GLU B 157 -25.41 11.49 -81.63
N VAL B 158 -25.34 10.70 -80.56
CA VAL B 158 -24.07 10.40 -79.95
C VAL B 158 -23.21 9.49 -80.78
N LEU B 159 -22.05 10.00 -81.20
CA LEU B 159 -21.11 9.25 -82.01
C LEU B 159 -20.06 8.53 -81.18
N ARG B 160 -19.55 9.23 -80.18
CA ARG B 160 -18.51 8.65 -79.33
C ARG B 160 -18.10 9.63 -78.26
N ILE B 161 -17.14 9.20 -77.46
CA ILE B 161 -16.60 10.01 -76.38
C ILE B 161 -15.12 10.09 -76.66
N VAL B 162 -14.57 11.31 -76.66
CA VAL B 162 -13.15 11.44 -76.91
C VAL B 162 -12.41 12.02 -75.69
N GLU B 163 -11.37 11.32 -75.27
CA GLU B 163 -10.59 11.74 -74.12
C GLU B 163 -9.73 12.97 -74.39
N GLN B 164 -9.49 13.76 -73.34
CA GLN B 164 -8.69 14.98 -73.40
C GLN B 164 -7.34 14.74 -74.11
N LYS B 165 -6.59 13.74 -73.67
CA LYS B 165 -5.29 13.44 -74.27
C LYS B 165 -5.41 13.10 -75.77
N ASP B 166 -6.44 12.34 -76.13
CA ASP B 166 -6.68 11.91 -77.51
C ASP B 166 -7.44 12.93 -78.34
N ALA B 167 -7.96 13.97 -77.71
CA ALA B 167 -8.74 14.95 -78.46
C ALA B 167 -7.92 15.85 -79.36
N THR B 168 -8.55 16.29 -80.43
CA THR B 168 -7.89 17.19 -81.36
C THR B 168 -8.22 18.57 -80.81
N ASP B 169 -7.55 19.58 -81.34
CA ASP B 169 -7.78 20.94 -80.92
C ASP B 169 -9.27 21.30 -81.04
N PHE B 170 -9.90 20.81 -82.10
CA PHE B 170 -11.33 21.09 -82.34
C PHE B 170 -12.28 20.43 -81.33
N GLU B 171 -12.03 19.16 -81.02
CA GLU B 171 -12.89 18.42 -80.09
C GLU B 171 -12.80 18.98 -78.66
N LYS B 172 -11.64 19.54 -78.32
CA LYS B 172 -11.46 20.12 -76.99
C LYS B 172 -12.42 21.26 -76.71
N GLN B 173 -12.98 21.87 -77.76
CA GLN B 173 -13.91 22.96 -77.59
CA GLN B 173 -13.91 22.97 -77.60
C GLN B 173 -15.32 22.50 -77.19
N ILE B 174 -15.54 21.18 -77.17
CA ILE B 174 -16.86 20.68 -76.79
C ILE B 174 -17.07 20.90 -75.29
N LYS B 175 -18.22 21.46 -74.93
CA LYS B 175 -18.59 21.76 -73.55
C LYS B 175 -19.36 20.62 -72.87
N GLU B 176 -19.94 19.72 -73.66
CA GLU B 176 -20.71 18.60 -73.10
C GLU B 176 -19.72 17.51 -72.71
N ILE B 177 -19.69 17.18 -71.41
CA ILE B 177 -18.74 16.20 -70.94
C ILE B 177 -19.32 14.89 -70.44
N ASN B 178 -18.48 13.87 -70.45
CA ASN B 178 -18.85 12.57 -69.96
C ASN B 178 -18.57 12.59 -68.44
N THR B 179 -19.58 12.28 -67.62
CA THR B 179 -19.39 12.27 -66.17
C THR B 179 -18.71 11.00 -65.71
N GLY B 180 -18.57 10.01 -66.58
CA GLY B 180 -17.94 8.78 -66.15
C GLY B 180 -18.96 7.81 -65.57
N THR B 181 -20.23 8.18 -65.64
CA THR B 181 -21.29 7.31 -65.14
C THR B 181 -22.15 6.93 -66.34
N TYR B 182 -22.52 5.66 -66.42
CA TYR B 182 -23.31 5.15 -67.55
C TYR B 182 -24.19 3.98 -67.11
N VAL B 183 -25.14 3.63 -67.96
CA VAL B 183 -25.95 2.45 -67.74
C VAL B 183 -25.82 1.68 -69.05
N PHE B 184 -25.48 0.40 -68.95
CA PHE B 184 -25.31 -0.43 -70.12
C PHE B 184 -26.17 -1.68 -70.05
N ASP B 185 -26.62 -2.18 -71.20
CA ASP B 185 -27.31 -3.46 -71.20
C ASP B 185 -26.14 -4.38 -70.80
N ASN B 186 -26.30 -5.14 -69.73
CA ASN B 186 -25.17 -5.94 -69.27
C ASN B 186 -24.54 -6.87 -70.30
N GLU B 187 -25.38 -7.60 -71.03
CA GLU B 187 -24.90 -8.54 -72.04
C GLU B 187 -24.03 -7.88 -73.10
N ARG B 188 -24.56 -6.80 -73.68
CA ARG B 188 -23.85 -6.09 -74.73
C ARG B 188 -22.59 -5.41 -74.19
N LEU B 189 -22.63 -4.94 -72.96
CA LEU B 189 -21.45 -4.31 -72.38
C LEU B 189 -20.21 -5.18 -72.54
N PHE B 190 -20.24 -6.38 -71.97
CA PHE B 190 -19.08 -7.23 -72.04
C PHE B 190 -18.69 -7.71 -73.43
N GLU B 191 -19.66 -7.80 -74.32
CA GLU B 191 -19.31 -8.20 -75.68
C GLU B 191 -18.56 -7.04 -76.33
N ALA B 192 -19.03 -5.81 -76.13
CA ALA B 192 -18.38 -4.66 -76.73
C ALA B 192 -16.97 -4.50 -76.18
N LEU B 193 -16.82 -4.80 -74.89
CA LEU B 193 -15.54 -4.70 -74.21
C LEU B 193 -14.46 -5.50 -74.89
N LYS B 194 -14.85 -6.63 -75.49
CA LYS B 194 -13.92 -7.52 -76.20
C LYS B 194 -13.26 -6.81 -77.38
N ASN B 195 -13.90 -5.76 -77.88
CA ASN B 195 -13.40 -5.03 -79.01
C ASN B 195 -12.59 -3.77 -78.74
N ILE B 196 -12.22 -3.52 -77.49
CA ILE B 196 -11.42 -2.33 -77.20
C ILE B 196 -9.94 -2.69 -77.07
N ASN B 197 -9.08 -1.74 -77.40
CA ASN B 197 -7.63 -1.96 -77.32
C ASN B 197 -6.93 -0.70 -76.80
N THR B 198 -5.63 -0.80 -76.55
CA THR B 198 -4.86 0.33 -76.02
C THR B 198 -4.30 1.30 -77.05
N ASN B 199 -4.94 1.37 -78.22
CA ASN B 199 -4.46 2.28 -79.27
C ASN B 199 -4.96 3.70 -79.03
N ASN B 200 -4.36 4.40 -78.07
CA ASN B 200 -4.75 5.78 -77.76
C ASN B 200 -3.59 6.50 -77.06
N ALA B 201 -3.73 7.80 -76.85
CA ALA B 201 -2.69 8.61 -76.21
C ALA B 201 -2.26 8.12 -74.84
N GLN B 202 -3.08 7.32 -74.19
CA GLN B 202 -2.70 6.85 -72.86
C GLN B 202 -2.34 5.38 -72.86
N GLY B 203 -2.47 4.73 -74.01
CA GLY B 203 -2.15 3.32 -74.08
C GLY B 203 -2.95 2.53 -73.05
N GLU B 204 -4.22 2.91 -72.91
CA GLU B 204 -5.09 2.25 -71.95
C GLU B 204 -6.37 1.72 -72.58
N TYR B 205 -7.05 0.82 -71.87
CA TYR B 205 -8.33 0.29 -72.35
C TYR B 205 -9.39 1.22 -71.78
N TYR B 206 -9.95 2.07 -72.64
CA TYR B 206 -10.97 3.03 -72.26
C TYR B 206 -12.37 2.45 -72.24
N ILE B 207 -13.09 2.63 -71.14
CA ILE B 207 -14.47 2.14 -71.11
C ILE B 207 -15.25 3.01 -72.08
N THR B 208 -14.78 4.25 -72.25
CA THR B 208 -15.45 5.18 -73.16
C THR B 208 -15.50 4.71 -74.62
N ASP B 209 -14.61 3.78 -74.99
CA ASP B 209 -14.61 3.31 -76.37
C ASP B 209 -15.82 2.41 -76.69
N VAL B 210 -16.52 1.86 -75.68
CA VAL B 210 -17.66 1.00 -76.03
C VAL B 210 -18.76 1.82 -76.70
N ILE B 211 -18.75 3.14 -76.51
CA ILE B 211 -19.78 3.97 -77.12
C ILE B 211 -19.60 3.95 -78.64
N GLY B 212 -18.35 4.11 -79.08
CA GLY B 212 -18.09 4.05 -80.51
C GLY B 212 -18.43 2.67 -81.05
N ILE B 213 -18.19 1.64 -80.25
CA ILE B 213 -18.51 0.29 -80.67
C ILE B 213 -20.02 0.13 -80.88
N PHE B 214 -20.84 0.63 -79.96
CA PHE B 214 -22.29 0.51 -80.13
C PHE B 214 -22.76 1.32 -81.33
N ARG B 215 -22.04 2.40 -81.62
CA ARG B 215 -22.38 3.22 -82.76
C ARG B 215 -22.13 2.40 -84.04
N GLU B 216 -21.07 1.59 -84.06
CA GLU B 216 -20.80 0.79 -85.25
C GLU B 216 -21.92 -0.20 -85.51
N THR B 217 -22.38 -0.86 -84.45
CA THR B 217 -23.45 -1.85 -84.54
C THR B 217 -24.83 -1.21 -84.68
N GLY B 218 -24.89 0.11 -84.60
CA GLY B 218 -26.17 0.79 -84.76
C GLY B 218 -27.08 0.74 -83.54
N GLU B 219 -26.62 0.09 -82.48
CA GLU B 219 -27.39 -0.02 -81.24
C GLU B 219 -27.66 1.35 -80.65
N LYS B 220 -28.79 1.48 -79.95
CA LYS B 220 -29.20 2.76 -79.39
C LYS B 220 -28.35 3.31 -78.27
N VAL B 221 -27.83 4.51 -78.49
CA VAL B 221 -27.00 5.17 -77.50
C VAL B 221 -27.66 6.48 -77.15
N GLY B 222 -27.80 6.73 -75.86
CA GLY B 222 -28.42 7.97 -75.44
C GLY B 222 -27.59 8.69 -74.41
N ALA B 223 -28.01 9.92 -74.11
CA ALA B 223 -27.32 10.72 -73.12
C ALA B 223 -28.38 11.37 -72.25
N TYR B 224 -28.24 11.18 -70.94
CA TYR B 224 -29.13 11.77 -69.98
C TYR B 224 -28.32 12.87 -69.31
N THR B 225 -28.82 14.10 -69.38
CA THR B 225 -28.12 15.23 -68.79
C THR B 225 -28.51 15.58 -67.36
N LEU B 226 -27.49 15.79 -66.54
CA LEU B 226 -27.72 16.15 -65.16
C LEU B 226 -28.51 17.45 -65.08
N LYS B 227 -29.46 17.50 -64.16
CA LYS B 227 -30.24 18.72 -63.97
C LYS B 227 -29.35 19.78 -63.30
N ASP B 228 -28.41 19.32 -62.47
CA ASP B 228 -27.48 20.21 -61.77
C ASP B 228 -26.04 19.89 -62.21
N PHE B 229 -25.46 20.74 -63.04
CA PHE B 229 -24.12 20.47 -63.54
C PHE B 229 -23.01 20.39 -62.48
N ASP B 230 -23.26 20.92 -61.29
CA ASP B 230 -22.26 20.87 -60.23
C ASP B 230 -21.99 19.42 -59.87
N GLU B 231 -23.02 18.60 -59.99
CA GLU B 231 -22.92 17.18 -59.67
C GLU B 231 -21.94 16.38 -60.52
N SER B 232 -21.52 16.95 -61.64
CA SER B 232 -20.66 16.25 -62.58
C SER B 232 -19.18 16.19 -62.27
N LEU B 233 -18.76 16.89 -61.22
CA LEU B 233 -17.35 16.98 -60.86
C LEU B 233 -16.59 15.67 -60.75
N GLY B 234 -15.50 15.58 -61.51
CA GLY B 234 -14.63 14.42 -61.43
C GLY B 234 -13.41 14.95 -60.67
N VAL B 235 -13.03 14.26 -59.61
CA VAL B 235 -11.92 14.74 -58.80
C VAL B 235 -10.64 14.00 -59.13
N ASN B 236 -9.70 14.68 -59.80
CA ASN B 236 -8.40 14.06 -60.12
C ASN B 236 -7.24 14.65 -59.32
N ASP B 237 -7.46 15.80 -58.69
CA ASP B 237 -6.40 16.47 -57.91
C ASP B 237 -6.99 17.22 -56.71
N ARG B 238 -6.16 17.87 -55.92
CA ARG B 238 -6.73 18.48 -54.74
C ARG B 238 -7.52 19.75 -54.98
N VAL B 239 -7.32 20.35 -56.14
CA VAL B 239 -8.08 21.53 -56.49
C VAL B 239 -9.51 21.06 -56.63
N ALA B 240 -9.72 19.99 -57.41
CA ALA B 240 -11.08 19.46 -57.59
C ALA B 240 -11.64 18.92 -56.28
N LEU B 241 -10.79 18.35 -55.43
CA LEU B 241 -11.29 17.85 -54.14
C LEU B 241 -11.88 19.02 -53.33
N ALA B 242 -11.23 20.17 -53.35
CA ALA B 242 -11.75 21.34 -52.59
C ALA B 242 -13.08 21.79 -53.21
N THR B 243 -13.19 21.67 -54.53
CA THR B 243 -14.45 22.03 -55.16
C THR B 243 -15.51 21.05 -54.68
N ALA B 244 -15.16 19.76 -54.59
CA ALA B 244 -16.13 18.75 -54.10
C ALA B 244 -16.56 19.11 -52.68
N GLU B 245 -15.60 19.43 -51.83
CA GLU B 245 -15.94 19.86 -50.48
C GLU B 245 -16.90 21.06 -50.49
N SER B 246 -16.67 22.01 -51.39
CA SER B 246 -17.52 23.19 -51.44
C SER B 246 -18.97 22.89 -51.87
N VAL B 247 -19.13 22.04 -52.87
CA VAL B 247 -20.47 21.68 -53.34
C VAL B 247 -21.20 20.83 -52.31
N MET B 248 -20.50 19.84 -51.75
CA MET B 248 -21.11 18.99 -50.74
C MET B 248 -21.49 19.80 -49.50
N ARG B 249 -20.61 20.72 -49.09
CA ARG B 249 -20.87 21.61 -47.95
C ARG B 249 -22.14 22.40 -48.20
N ARG B 250 -22.24 22.95 -49.41
CA ARG B 250 -23.41 23.74 -49.78
C ARG B 250 -24.67 22.89 -49.72
N ARG B 251 -24.57 21.65 -50.19
CA ARG B 251 -25.69 20.72 -50.20
C ARG B 251 -26.14 20.40 -48.78
N ILE B 252 -25.18 20.04 -47.94
CA ILE B 252 -25.49 19.70 -46.56
C ILE B 252 -26.11 20.90 -45.81
N ASN B 253 -25.48 22.05 -45.91
CA ASN B 253 -25.99 23.21 -45.20
C ASN B 253 -27.34 23.67 -45.73
N HIS B 254 -27.56 23.51 -47.03
CA HIS B 254 -28.84 23.87 -47.61
C HIS B 254 -29.94 23.04 -46.95
N LYS B 255 -29.69 21.75 -46.83
CA LYS B 255 -30.63 20.81 -46.21
C LYS B 255 -30.94 21.24 -44.78
N HIS B 256 -29.92 21.61 -44.03
CA HIS B 256 -30.17 22.04 -42.66
C HIS B 256 -31.00 23.33 -42.62
N MET B 257 -30.71 24.25 -43.54
CA MET B 257 -31.46 25.50 -43.56
C MET B 257 -32.94 25.23 -43.91
N VAL B 258 -33.17 24.33 -44.86
CA VAL B 258 -34.54 23.98 -45.24
C VAL B 258 -35.28 23.39 -44.02
N ASN B 259 -34.52 22.66 -43.18
CA ASN B 259 -35.04 22.03 -41.98
C ASN B 259 -35.18 22.97 -40.79
N GLY B 260 -34.92 24.26 -40.97
CA GLY B 260 -35.08 25.20 -39.86
C GLY B 260 -33.87 25.61 -39.07
N VAL B 261 -32.68 25.41 -39.62
CA VAL B 261 -31.46 25.82 -38.91
C VAL B 261 -30.95 27.10 -39.57
N SER B 262 -30.62 28.11 -38.77
CA SER B 262 -30.08 29.37 -39.32
C SER B 262 -28.58 29.33 -39.41
N PHE B 263 -28.05 29.79 -40.53
CA PHE B 263 -26.60 29.86 -40.69
C PHE B 263 -26.20 31.29 -40.98
N VAL B 264 -25.31 31.87 -40.16
CA VAL B 264 -24.83 33.21 -40.46
C VAL B 264 -24.08 33.17 -41.82
N ASN B 265 -23.37 32.07 -42.08
CA ASN B 265 -22.66 31.96 -43.35
C ASN B 265 -22.49 30.49 -43.75
N PRO B 266 -23.48 29.94 -44.47
CA PRO B 266 -23.42 28.54 -44.89
C PRO B 266 -22.29 28.21 -45.83
N GLU B 267 -21.65 29.23 -46.41
CA GLU B 267 -20.53 28.97 -47.31
C GLU B 267 -19.25 28.79 -46.51
N ALA B 268 -19.33 29.05 -45.20
CA ALA B 268 -18.16 28.96 -44.34
C ALA B 268 -18.46 28.22 -43.04
N THR B 269 -19.29 27.20 -43.13
CA THR B 269 -19.67 26.40 -41.96
C THR B 269 -19.44 24.97 -42.45
N TYR B 270 -18.71 24.21 -41.64
CA TYR B 270 -18.29 22.86 -42.02
C TYR B 270 -18.95 21.77 -41.19
N ILE B 271 -19.97 21.19 -41.80
CA ILE B 271 -20.78 20.16 -41.16
C ILE B 271 -20.75 18.86 -41.96
N ASP B 272 -20.28 17.80 -41.31
CA ASP B 272 -20.14 16.50 -41.94
C ASP B 272 -21.47 15.94 -42.38
N ILE B 273 -21.41 15.04 -43.34
CA ILE B 273 -22.57 14.44 -43.98
C ILE B 273 -23.64 13.81 -43.11
N ASP B 274 -23.27 13.18 -42.00
CA ASP B 274 -24.28 12.53 -41.17
C ASP B 274 -24.65 13.24 -39.88
N VAL B 275 -24.19 14.48 -39.72
CA VAL B 275 -24.52 15.24 -38.52
C VAL B 275 -26.02 15.53 -38.48
N GLU B 276 -26.65 15.39 -37.33
CA GLU B 276 -28.07 15.68 -37.18
C GLU B 276 -28.19 17.01 -36.43
N ILE B 277 -29.04 17.91 -36.94
CA ILE B 277 -29.24 19.21 -36.32
C ILE B 277 -30.71 19.51 -36.25
N ALA B 278 -31.21 19.73 -35.04
CA ALA B 278 -32.64 20.02 -34.82
C ALA B 278 -33.03 21.42 -35.28
N PRO B 279 -34.34 21.63 -35.53
CA PRO B 279 -34.79 22.95 -35.97
C PRO B 279 -34.52 24.04 -34.93
N GLU B 280 -34.37 25.26 -35.42
CA GLU B 280 -34.16 26.42 -34.58
C GLU B 280 -32.76 26.58 -34.03
N VAL B 281 -31.87 25.66 -34.36
CA VAL B 281 -30.47 25.80 -33.97
C VAL B 281 -29.93 27.03 -34.74
N GLN B 282 -29.04 27.78 -34.12
CA GLN B 282 -28.41 28.94 -34.74
C GLN B 282 -26.93 28.64 -34.82
N ILE B 283 -26.39 28.70 -36.03
CA ILE B 283 -24.99 28.41 -36.23
C ILE B 283 -24.27 29.60 -36.85
N GLU B 284 -23.32 30.16 -36.11
CA GLU B 284 -22.55 31.29 -36.62
C GLU B 284 -21.61 30.72 -37.67
N ALA B 285 -20.88 31.60 -38.34
CA ALA B 285 -19.94 31.15 -39.34
C ALA B 285 -18.80 30.42 -38.68
N ASN B 286 -18.07 29.67 -39.50
CA ASN B 286 -16.89 29.01 -39.00
C ASN B 286 -17.09 28.06 -37.85
N VAL B 287 -18.18 27.30 -37.93
CA VAL B 287 -18.44 26.29 -36.91
C VAL B 287 -18.15 24.96 -37.63
N ILE B 288 -17.54 24.03 -36.91
CA ILE B 288 -17.20 22.70 -37.43
C ILE B 288 -17.95 21.62 -36.63
N LEU B 289 -18.70 20.76 -37.32
CA LEU B 289 -19.45 19.67 -36.66
C LEU B 289 -19.04 18.42 -37.45
N LYS B 290 -18.46 17.45 -36.75
CA LYS B 290 -17.94 16.27 -37.41
C LYS B 290 -18.46 14.96 -36.87
N GLY B 291 -18.42 13.96 -37.75
CA GLY B 291 -18.82 12.62 -37.35
C GLY B 291 -20.24 12.42 -36.88
N GLN B 292 -20.38 11.58 -35.86
CA GLN B 292 -21.71 11.26 -35.34
C GLN B 292 -22.10 12.27 -34.27
N THR B 293 -22.33 13.49 -34.72
CA THR B 293 -22.72 14.58 -33.83
C THR B 293 -24.19 14.88 -34.02
N LYS B 294 -24.85 15.21 -32.93
CA LYS B 294 -26.25 15.57 -32.98
C LYS B 294 -26.38 16.84 -32.17
N ILE B 295 -27.14 17.81 -32.69
CA ILE B 295 -27.37 19.06 -32.00
C ILE B 295 -28.87 19.23 -31.76
N GLY B 296 -29.24 19.47 -30.50
CA GLY B 296 -30.62 19.63 -30.10
C GLY B 296 -31.21 20.99 -30.44
N ALA B 297 -32.53 21.05 -30.37
CA ALA B 297 -33.30 22.26 -30.68
C ALA B 297 -32.89 23.52 -29.94
N GLU B 298 -32.88 24.62 -30.69
CA GLU B 298 -32.60 25.95 -30.20
C GLU B 298 -31.21 26.20 -29.68
N THR B 299 -30.32 25.21 -29.83
CA THR B 299 -28.96 25.37 -29.39
C THR B 299 -28.22 26.33 -30.28
N VAL B 300 -27.40 27.18 -29.67
CA VAL B 300 -26.61 28.19 -30.38
C VAL B 300 -25.15 27.73 -30.39
N LEU B 301 -24.54 27.78 -31.58
CA LEU B 301 -23.16 27.37 -31.77
C LEU B 301 -22.44 28.60 -32.31
N THR B 302 -21.50 29.16 -31.54
CA THR B 302 -20.83 30.37 -31.99
C THR B 302 -19.55 30.08 -32.74
N ASN B 303 -19.12 31.08 -33.47
CA ASN B 303 -17.94 31.02 -34.32
C ASN B 303 -16.76 30.35 -33.66
N GLY B 304 -16.22 29.32 -34.33
CA GLY B 304 -15.06 28.62 -33.80
C GLY B 304 -15.33 27.31 -33.09
N THR B 305 -16.61 27.06 -32.77
CA THR B 305 -16.98 25.84 -32.11
C THR B 305 -16.61 24.67 -33.02
N TYR B 306 -16.12 23.61 -32.39
CA TYR B 306 -15.65 22.43 -33.09
C TYR B 306 -16.14 21.24 -32.30
N VAL B 307 -17.06 20.47 -32.87
CA VAL B 307 -17.66 19.35 -32.18
C VAL B 307 -17.48 18.08 -32.99
N VAL B 308 -16.96 17.07 -32.32
CA VAL B 308 -16.71 15.80 -32.97
C VAL B 308 -17.36 14.67 -32.21
N ASP B 309 -18.16 13.86 -32.92
CA ASP B 309 -18.80 12.68 -32.34
C ASP B 309 -19.40 12.94 -30.96
N SER B 310 -20.17 14.03 -30.82
CA SER B 310 -20.79 14.31 -29.52
C SER B 310 -22.25 14.62 -29.74
N THR B 311 -23.01 14.52 -28.66
CA THR B 311 -24.43 14.81 -28.68
C THR B 311 -24.61 16.03 -27.79
N ILE B 312 -25.25 17.05 -28.33
CA ILE B 312 -25.49 18.28 -27.57
C ILE B 312 -26.99 18.42 -27.51
N GLY B 313 -27.49 18.72 -26.30
CA GLY B 313 -28.92 18.84 -26.10
C GLY B 313 -29.52 20.11 -26.65
N ALA B 314 -30.71 20.40 -26.13
CA ALA B 314 -31.50 21.55 -26.55
C ALA B 314 -31.25 22.75 -25.66
N GLY B 315 -31.31 23.93 -26.28
CA GLY B 315 -31.13 25.15 -25.52
C GLY B 315 -29.75 25.34 -24.95
N ALA B 316 -28.76 24.75 -25.58
CA ALA B 316 -27.39 24.90 -25.06
C ALA B 316 -26.76 26.05 -25.83
N VAL B 317 -25.68 26.59 -25.28
CA VAL B 317 -24.95 27.65 -25.97
C VAL B 317 -23.50 27.17 -25.91
N ILE B 318 -22.91 26.89 -27.06
CA ILE B 318 -21.52 26.41 -27.14
C ILE B 318 -20.80 27.60 -27.77
N THR B 319 -19.99 28.27 -26.95
CA THR B 319 -19.30 29.44 -27.40
C THR B 319 -17.87 29.10 -27.69
N ASN B 320 -17.47 29.19 -28.96
CA ASN B 320 -16.09 28.95 -29.41
C ASN B 320 -15.36 27.92 -28.55
N SER B 321 -15.83 26.68 -28.57
CA SER B 321 -15.24 25.61 -27.76
C SER B 321 -15.15 24.34 -28.58
N MET B 322 -14.28 23.45 -28.14
CA MET B 322 -14.04 22.19 -28.83
C MET B 322 -14.59 21.08 -27.94
N ILE B 323 -15.44 20.23 -28.51
CA ILE B 323 -16.08 19.18 -27.74
C ILE B 323 -15.92 17.88 -28.49
N GLU B 324 -15.34 16.88 -27.83
CA GLU B 324 -15.06 15.60 -28.46
C GLU B 324 -15.61 14.41 -27.69
N GLU B 325 -16.27 13.49 -28.43
CA GLU B 325 -16.82 12.24 -27.92
C GLU B 325 -17.43 12.42 -26.54
N SER B 326 -18.33 13.39 -26.43
CA SER B 326 -18.96 13.67 -25.17
C SER B 326 -20.46 13.88 -25.30
N SER B 327 -21.15 13.86 -24.15
CA SER B 327 -22.58 14.14 -24.11
C SER B 327 -22.74 15.45 -23.34
N VAL B 328 -23.57 16.34 -23.88
CA VAL B 328 -23.84 17.63 -23.28
C VAL B 328 -25.35 17.73 -23.17
N ALA B 329 -25.82 17.90 -21.94
CA ALA B 329 -27.26 17.95 -21.70
C ALA B 329 -27.92 19.24 -22.10
N ASP B 330 -29.24 19.31 -21.90
CA ASP B 330 -30.00 20.51 -22.24
C ASP B 330 -29.59 21.68 -21.39
N GLY B 331 -29.60 22.86 -21.98
CA GLY B 331 -29.33 24.09 -21.24
C GLY B 331 -27.89 24.35 -20.82
N VAL B 332 -26.98 23.53 -21.31
CA VAL B 332 -25.58 23.71 -20.93
C VAL B 332 -24.94 24.87 -21.66
N THR B 333 -24.06 25.60 -20.95
CA THR B 333 -23.29 26.68 -21.58
C THR B 333 -21.83 26.27 -21.46
N VAL B 334 -21.09 26.39 -22.57
CA VAL B 334 -19.68 26.00 -22.61
C VAL B 334 -18.92 27.07 -23.36
N GLY B 335 -17.83 27.57 -22.75
CA GLY B 335 -17.00 28.54 -23.45
C GLY B 335 -17.06 29.97 -22.93
N PRO B 336 -16.33 30.87 -23.58
CA PRO B 336 -15.46 30.64 -24.75
C PRO B 336 -14.13 29.95 -24.43
N TYR B 337 -13.56 29.33 -25.46
CA TYR B 337 -12.26 28.68 -25.30
C TYR B 337 -12.26 27.59 -24.23
N ALA B 338 -13.22 26.66 -24.30
CA ALA B 338 -13.27 25.52 -23.37
C ALA B 338 -12.98 24.28 -24.22
N HIS B 339 -12.52 23.20 -23.58
CA HIS B 339 -12.20 21.97 -24.30
C HIS B 339 -12.80 20.79 -23.54
N ILE B 340 -13.84 20.16 -24.11
CA ILE B 340 -14.50 19.03 -23.50
C ILE B 340 -13.94 17.82 -24.24
N ARG B 341 -13.11 17.05 -23.54
CA ARG B 341 -12.41 15.93 -24.15
C ARG B 341 -13.19 14.66 -24.02
N PRO B 342 -12.78 13.60 -24.74
CA PRO B 342 -13.48 12.32 -24.70
C PRO B 342 -13.98 11.79 -23.38
N ASN B 343 -15.14 11.19 -23.51
CA ASN B 343 -15.80 10.55 -22.38
C ASN B 343 -16.23 11.46 -21.27
N SER B 344 -16.68 12.68 -21.62
CA SER B 344 -17.19 13.59 -20.61
C SER B 344 -18.71 13.69 -20.75
N SER B 345 -19.42 13.88 -19.65
CA SER B 345 -20.86 14.08 -19.77
C SER B 345 -21.15 15.33 -18.95
N LEU B 346 -21.82 16.32 -19.55
CA LEU B 346 -22.14 17.52 -18.81
C LEU B 346 -23.63 17.44 -18.57
N GLY B 347 -24.03 17.46 -17.30
CA GLY B 347 -25.43 17.38 -16.92
C GLY B 347 -26.17 18.65 -17.25
N ALA B 348 -27.49 18.59 -17.06
CA ALA B 348 -28.36 19.72 -17.39
C ALA B 348 -27.99 21.01 -16.69
N GLN B 349 -27.94 22.10 -17.47
CA GLN B 349 -27.65 23.43 -16.94
C GLN B 349 -26.24 23.64 -16.42
N VAL B 350 -25.34 22.72 -16.74
CA VAL B 350 -23.97 22.89 -16.30
C VAL B 350 -23.37 24.08 -17.03
N HIS B 351 -22.45 24.78 -16.36
CA HIS B 351 -21.75 25.87 -17.01
C HIS B 351 -20.26 25.56 -16.97
N ILE B 352 -19.63 25.57 -18.15
CA ILE B 352 -18.19 25.40 -18.27
C ILE B 352 -17.74 26.72 -18.92
N GLY B 353 -16.91 27.49 -18.22
CA GLY B 353 -16.47 28.77 -18.75
C GLY B 353 -15.16 28.74 -19.52
N ASN B 354 -14.48 29.87 -19.56
CA ASN B 354 -13.25 29.96 -20.32
C ASN B 354 -12.00 29.28 -19.77
N PHE B 355 -11.24 28.70 -20.70
CA PHE B 355 -10.01 28.02 -20.35
C PHE B 355 -10.25 26.88 -19.38
N VAL B 356 -11.29 26.09 -19.67
CA VAL B 356 -11.54 24.94 -18.82
C VAL B 356 -11.45 23.70 -19.68
N GLU B 357 -10.82 22.67 -19.11
CA GLU B 357 -10.69 21.38 -19.79
C GLU B 357 -11.37 20.32 -18.90
N VAL B 358 -12.25 19.53 -19.51
CA VAL B 358 -12.93 18.44 -18.82
C VAL B 358 -12.58 17.20 -19.63
N LYS B 359 -12.18 16.14 -18.93
CA LYS B 359 -11.82 14.92 -19.60
C LYS B 359 -12.25 13.70 -18.79
N GLY B 360 -12.94 12.75 -19.45
CA GLY B 360 -13.34 11.51 -18.80
C GLY B 360 -14.01 11.72 -17.47
N SER B 361 -14.89 12.73 -17.43
CA SER B 361 -15.56 13.06 -16.19
C SER B 361 -17.05 13.19 -16.39
N SER B 362 -17.81 12.87 -15.35
CA SER B 362 -19.27 13.06 -15.42
C SER B 362 -19.55 14.24 -14.48
N ILE B 363 -20.23 15.26 -14.99
CA ILE B 363 -20.51 16.48 -14.22
C ILE B 363 -22.02 16.58 -14.02
N GLY B 364 -22.44 16.57 -12.75
CA GLY B 364 -23.86 16.61 -12.42
C GLY B 364 -24.53 17.93 -12.72
N GLU B 365 -25.85 17.88 -12.75
CA GLU B 365 -26.66 19.06 -13.06
C GLU B 365 -26.34 20.31 -12.24
N ASN B 366 -26.39 21.45 -12.93
CA ASN B 366 -26.14 22.77 -12.35
C ASN B 366 -24.77 23.06 -11.78
N THR B 367 -23.83 22.17 -12.02
CA THR B 367 -22.48 22.41 -11.52
C THR B 367 -21.83 23.48 -12.41
N LYS B 368 -20.93 24.25 -11.85
CA LYS B 368 -20.27 25.33 -12.59
C LYS B 368 -18.76 25.23 -12.43
N ALA B 369 -18.03 25.38 -13.54
CA ALA B 369 -16.58 25.43 -13.51
C ALA B 369 -16.32 26.57 -14.47
N GLY B 370 -16.31 27.79 -13.95
CA GLY B 370 -16.19 28.93 -14.85
C GLY B 370 -14.83 29.33 -15.39
N HIS B 371 -13.73 28.77 -14.90
CA HIS B 371 -12.47 29.29 -15.37
C HIS B 371 -11.18 28.60 -15.05
N LEU B 372 -10.27 28.54 -16.03
CA LEU B 372 -8.91 28.06 -15.78
C LEU B 372 -8.87 26.82 -14.90
N THR B 373 -9.67 25.83 -15.27
CA THR B 373 -9.78 24.63 -14.46
C THR B 373 -9.60 23.36 -15.26
N TYR B 374 -9.07 22.33 -14.62
CA TYR B 374 -8.92 21.02 -15.28
C TYR B 374 -9.67 20.02 -14.40
N ILE B 375 -10.59 19.27 -15.00
CA ILE B 375 -11.36 18.25 -14.28
C ILE B 375 -11.15 16.98 -15.09
N GLY B 376 -10.36 16.07 -14.54
CA GLY B 376 -10.06 14.83 -15.24
C GLY B 376 -10.34 13.61 -14.40
N ASN B 377 -10.98 12.62 -15.00
CA ASN B 377 -11.30 11.37 -14.31
C ASN B 377 -12.00 11.62 -12.99
N CYS B 378 -13.04 12.44 -13.06
CA CYS B 378 -13.78 12.77 -11.86
C CYS B 378 -15.27 12.47 -12.04
N GLU B 379 -15.88 12.08 -10.93
CA GLU B 379 -17.31 11.85 -10.88
C GLU B 379 -17.71 13.02 -9.99
N VAL B 380 -18.45 13.95 -10.58
CA VAL B 380 -18.83 15.17 -9.91
C VAL B 380 -20.33 15.31 -9.77
N GLY B 381 -20.76 15.62 -8.56
CA GLY B 381 -22.18 15.76 -8.26
C GLY B 381 -22.84 17.00 -8.83
N SER B 382 -24.04 17.28 -8.31
CA SER B 382 -24.84 18.40 -8.74
C SER B 382 -24.58 19.64 -7.92
N ASN B 383 -24.83 20.81 -8.49
CA ASN B 383 -24.66 22.07 -7.78
C ASN B 383 -23.25 22.31 -7.22
N VAL B 384 -22.24 21.72 -7.83
CA VAL B 384 -20.86 21.91 -7.38
C VAL B 384 -20.33 23.20 -8.00
N ASN B 385 -19.42 23.86 -7.30
CA ASN B 385 -18.80 25.06 -7.86
C ASN B 385 -17.29 24.84 -7.86
N PHE B 386 -16.65 24.99 -9.02
CA PHE B 386 -15.20 24.89 -9.09
C PHE B 386 -14.63 26.30 -9.23
N GLY B 387 -13.88 26.74 -8.21
CA GLY B 387 -13.29 28.07 -8.27
C GLY B 387 -12.26 28.10 -9.38
N ALA B 388 -12.01 29.29 -9.90
CA ALA B 388 -11.01 29.49 -10.96
C ALA B 388 -9.67 28.91 -10.54
N GLY B 389 -8.99 28.21 -11.46
CA GLY B 389 -7.65 27.71 -11.17
C GLY B 389 -7.57 26.36 -10.49
N THR B 390 -8.71 25.70 -10.34
CA THR B 390 -8.80 24.40 -9.69
C THR B 390 -8.24 23.33 -10.60
N ILE B 391 -7.42 22.47 -10.05
CA ILE B 391 -6.81 21.42 -10.83
C ILE B 391 -7.04 20.09 -10.15
N THR B 392 -7.68 19.16 -10.84
CA THR B 392 -7.86 17.81 -10.28
C THR B 392 -6.65 17.03 -10.79
N VAL B 393 -5.85 16.51 -9.88
CA VAL B 393 -4.64 15.79 -10.26
C VAL B 393 -4.97 14.30 -10.33
N ASN B 394 -4.84 13.71 -11.51
CA ASN B 394 -5.21 12.31 -11.70
C ASN B 394 -4.17 11.34 -12.18
N TYR B 395 -2.97 11.81 -12.44
CA TYR B 395 -1.97 10.95 -13.01
C TYR B 395 -0.65 11.06 -12.26
N ASP B 396 0.04 9.94 -12.08
CA ASP B 396 1.32 9.94 -11.34
C ASP B 396 2.50 9.57 -12.23
N GLY B 397 2.30 9.61 -13.54
CA GLY B 397 3.37 9.26 -14.44
C GLY B 397 3.24 7.82 -14.90
N LYS B 398 2.30 7.08 -14.32
CA LYS B 398 2.11 5.70 -14.72
C LYS B 398 0.63 5.34 -14.76
N ASN B 399 -0.08 5.67 -13.69
CA ASN B 399 -1.49 5.37 -13.61
C ASN B 399 -2.35 6.62 -13.38
N LYS B 400 -3.65 6.43 -13.61
CA LYS B 400 -4.67 7.48 -13.46
C LYS B 400 -5.50 7.08 -12.27
N TYR B 401 -5.92 8.06 -11.49
CA TYR B 401 -6.71 7.83 -10.30
C TYR B 401 -7.94 8.71 -10.40
N LYS B 402 -9.00 8.23 -9.77
CA LYS B 402 -10.29 8.91 -9.80
C LYS B 402 -10.62 9.69 -8.55
N THR B 403 -11.30 10.82 -8.73
CA THR B 403 -11.74 11.62 -7.61
C THR B 403 -13.25 11.69 -7.66
N VAL B 404 -13.89 11.61 -6.49
CA VAL B 404 -15.35 11.68 -6.41
C VAL B 404 -15.70 12.97 -5.67
N ILE B 405 -16.55 13.79 -6.28
CA ILE B 405 -16.96 15.04 -5.68
C ILE B 405 -18.48 14.99 -5.49
N GLY B 406 -18.89 15.22 -4.26
CA GLY B 406 -20.31 15.12 -3.92
C GLY B 406 -21.12 16.28 -4.42
N ASP B 407 -22.36 16.37 -3.95
CA ASP B 407 -23.24 17.47 -4.34
C ASP B 407 -22.97 18.71 -3.51
N ASN B 408 -23.16 19.88 -4.13
CA ASN B 408 -23.00 21.16 -3.49
C ASN B 408 -21.63 21.44 -2.89
N VAL B 409 -20.61 20.76 -3.42
CA VAL B 409 -19.27 20.98 -2.93
C VAL B 409 -18.76 22.30 -3.52
N PHE B 410 -17.98 23.03 -2.74
CA PHE B 410 -17.42 24.28 -3.16
C PHE B 410 -15.90 24.09 -3.20
N VAL B 411 -15.34 23.91 -4.39
CA VAL B 411 -13.90 23.72 -4.52
C VAL B 411 -13.23 25.07 -4.71
N GLY B 412 -12.48 25.48 -3.69
CA GLY B 412 -11.84 26.80 -3.72
C GLY B 412 -10.94 27.05 -4.91
N SER B 413 -10.85 28.32 -5.32
CA SER B 413 -9.98 28.70 -6.42
C SER B 413 -8.53 28.27 -6.22
N ASN B 414 -7.87 27.94 -7.30
CA ASN B 414 -6.48 27.57 -7.25
C ASN B 414 -6.18 26.41 -6.30
N SER B 415 -7.12 25.49 -6.13
CA SER B 415 -6.83 24.35 -5.30
C SER B 415 -6.30 23.24 -6.19
N THR B 416 -5.67 22.27 -5.54
CA THR B 416 -5.03 21.14 -6.21
C THR B 416 -5.57 19.90 -5.52
N ILE B 417 -6.39 19.14 -6.24
CA ILE B 417 -7.04 17.96 -5.66
C ILE B 417 -6.34 16.69 -6.15
N ILE B 418 -5.58 16.04 -5.26
CA ILE B 418 -4.80 14.87 -5.68
C ILE B 418 -5.52 13.56 -5.48
N ALA B 419 -5.94 12.98 -6.60
CA ALA B 419 -6.68 11.73 -6.57
C ALA B 419 -5.76 10.61 -6.09
N PRO B 420 -6.35 9.52 -5.54
CA PRO B 420 -7.79 9.33 -5.39
C PRO B 420 -8.31 9.86 -4.06
N VAL B 421 -9.27 10.80 -4.09
CA VAL B 421 -9.87 11.30 -2.87
C VAL B 421 -11.34 11.53 -3.12
N GLU B 422 -12.10 11.71 -2.04
CA GLU B 422 -13.51 12.02 -2.16
C GLU B 422 -13.79 13.31 -1.40
N LEU B 423 -14.54 14.22 -2.03
CA LEU B 423 -14.95 15.45 -1.38
C LEU B 423 -16.43 15.19 -1.08
N GLY B 424 -16.78 15.13 0.20
CA GLY B 424 -18.14 14.82 0.59
C GLY B 424 -19.12 15.95 0.37
N ASP B 425 -20.39 15.59 0.32
CA ASP B 425 -21.44 16.57 0.10
C ASP B 425 -21.28 17.82 0.96
N ASN B 426 -21.56 18.96 0.35
CA ASN B 426 -21.53 20.29 0.95
C ASN B 426 -20.20 20.76 1.49
N SER B 427 -19.13 19.99 1.31
CA SER B 427 -17.84 20.40 1.82
C SER B 427 -17.26 21.58 1.06
N LEU B 428 -16.26 22.20 1.65
CA LEU B 428 -15.61 23.33 1.00
C LEU B 428 -14.09 23.15 1.09
N VAL B 429 -13.40 23.30 -0.03
CA VAL B 429 -11.96 23.22 -0.02
C VAL B 429 -11.49 24.68 -0.07
N GLY B 430 -10.67 25.10 0.89
CA GLY B 430 -10.22 26.49 0.91
C GLY B 430 -9.40 26.80 -0.34
N ALA B 431 -9.55 28.02 -0.85
CA ALA B 431 -8.79 28.43 -2.03
C ALA B 431 -7.30 28.32 -1.76
N GLY B 432 -6.56 27.95 -2.78
CA GLY B 432 -5.11 27.83 -2.64
C GLY B 432 -4.69 26.53 -1.98
N SER B 433 -5.63 25.65 -1.65
CA SER B 433 -5.29 24.40 -0.97
C SER B 433 -4.86 23.21 -1.80
N THR B 434 -3.94 22.44 -1.27
CA THR B 434 -3.57 21.19 -1.89
C THR B 434 -4.29 20.15 -1.02
N ILE B 435 -5.06 19.27 -1.64
CA ILE B 435 -5.83 18.25 -0.93
C ILE B 435 -5.29 16.87 -1.30
N THR B 436 -4.81 16.13 -0.30
CA THR B 436 -4.28 14.79 -0.49
C THR B 436 -5.14 13.73 0.19
N LYS B 437 -6.11 14.16 1.00
CA LYS B 437 -6.98 13.25 1.75
C LYS B 437 -8.46 13.54 1.58
N ASP B 438 -9.30 12.54 1.84
CA ASP B 438 -10.74 12.71 1.73
C ASP B 438 -11.18 13.89 2.61
N VAL B 439 -12.23 14.56 2.16
CA VAL B 439 -12.80 15.65 2.92
C VAL B 439 -14.24 15.19 3.23
N PRO B 440 -14.57 15.01 4.52
CA PRO B 440 -15.92 14.57 4.90
C PRO B 440 -17.03 15.50 4.47
N ALA B 441 -18.22 14.95 4.29
CA ALA B 441 -19.37 15.77 3.95
C ALA B 441 -19.48 16.83 5.08
N ASP B 442 -19.87 18.04 4.69
CA ASP B 442 -20.03 19.15 5.63
C ASP B 442 -18.77 19.67 6.29
N ALA B 443 -17.60 19.19 5.88
CA ALA B 443 -16.37 19.73 6.47
C ALA B 443 -15.75 20.76 5.57
N ILE B 444 -14.74 21.45 6.09
CA ILE B 444 -13.97 22.33 5.24
C ILE B 444 -12.56 21.78 5.38
N ALA B 445 -11.77 21.98 4.34
CA ALA B 445 -10.41 21.50 4.34
C ALA B 445 -9.54 22.64 3.83
N ILE B 446 -8.45 22.89 4.55
CA ILE B 446 -7.52 23.93 4.20
C ILE B 446 -6.10 23.35 4.20
N GLY B 447 -5.36 23.60 3.12
CA GLY B 447 -4.02 23.06 3.01
C GLY B 447 -3.18 24.09 2.28
N ARG B 448 -2.85 25.16 3.00
CA ARG B 448 -2.09 26.26 2.41
C ARG B 448 -1.32 27.00 3.50
N GLY B 449 -0.30 27.76 3.11
CA GLY B 449 0.50 28.48 4.09
C GLY B 449 -0.22 29.73 4.56
N ARG B 450 -0.01 30.13 5.81
CA ARG B 450 -0.65 31.35 6.29
C ARG B 450 0.14 32.55 5.77
N GLN B 451 -0.57 33.64 5.52
CA GLN B 451 0.04 34.85 5.01
C GLN B 451 0.80 35.63 6.09
N ILE B 452 2.03 36.02 5.76
CA ILE B 452 2.89 36.83 6.61
C ILE B 452 3.21 38.11 5.82
N ASN B 453 3.10 39.29 6.46
CA ASN B 453 3.44 40.55 5.78
C ASN B 453 4.75 41.07 6.35
N LYS B 454 5.63 41.55 5.48
CA LYS B 454 6.91 42.08 5.90
C LYS B 454 6.86 43.56 5.56
N ASP B 455 6.70 44.38 6.59
CA ASP B 455 6.59 45.82 6.39
C ASP B 455 7.79 46.42 5.70
N GLU B 456 7.52 47.28 4.71
CA GLU B 456 8.54 47.98 3.91
C GLU B 456 9.51 47.14 3.08
N TYR B 457 9.38 45.81 3.15
CA TYR B 457 10.28 44.93 2.41
CA TYR B 457 10.29 44.95 2.40
C TYR B 457 10.27 45.15 0.89
N ALA B 458 9.14 45.60 0.35
CA ALA B 458 9.04 45.79 -1.09
C ALA B 458 10.00 46.86 -1.63
N THR B 459 10.32 47.85 -0.81
CA THR B 459 11.23 48.92 -1.23
C THR B 459 12.61 48.36 -1.58
N ARG B 460 12.88 47.15 -1.14
CA ARG B 460 14.17 46.52 -1.41
C ARG B 460 14.14 45.65 -2.66
N LEU B 461 12.98 45.55 -3.32
CA LEU B 461 12.91 44.67 -4.49
C LEU B 461 12.93 45.35 -5.87
N PRO B 462 13.40 44.64 -6.90
CA PRO B 462 13.50 45.15 -8.27
C PRO B 462 12.27 45.80 -8.88
N HIS B 463 11.07 45.35 -8.49
CA HIS B 463 9.87 45.94 -9.07
C HIS B 463 9.53 47.29 -8.49
N HIS B 464 10.04 47.58 -7.30
CA HIS B 464 9.71 48.86 -6.66
C HIS B 464 10.16 50.06 -7.48
N PRO B 465 9.28 51.06 -7.62
CA PRO B 465 9.56 52.28 -8.37
C PRO B 465 10.86 52.97 -7.97
N LYS B 466 11.20 52.93 -6.68
CA LYS B 466 12.43 53.59 -6.27
C LYS B 466 13.69 52.84 -6.68
N ASN B 467 13.53 51.64 -7.25
CA ASN B 467 14.68 50.86 -7.68
C ASN B 467 14.83 50.74 -9.19
N GLN B 468 14.46 51.82 -9.89
CA GLN B 468 14.57 51.87 -11.34
C GLN B 468 14.28 53.27 -11.83
CA CA C . 31.48 -7.35 56.05
CA CA D . 35.62 -2.17 55.26
CA CA E . -12.45 -19.80 14.72
CA CA F . 12.78 -25.98 7.01
N1A ACO G . 8.42 -17.09 -7.94
C2A ACO G . 8.89 -16.19 -8.83
N3A ACO G . 8.68 -14.86 -8.86
C4A ACO G . 7.85 -14.43 -7.82
C5A ACO G . 7.26 -15.19 -6.83
C6A ACO G . 7.59 -16.68 -6.91
N6A ACO G . 7.13 -17.58 -6.02
N7A ACO G . 6.50 -14.44 -5.96
C8A ACO G . 6.62 -13.23 -6.43
N9A ACO G . 7.44 -13.16 -7.58
C1B ACO G . 7.80 -11.99 -8.38
C2B ACO G . 6.62 -11.13 -8.80
O2B ACO G . 6.11 -11.58 -10.07
C3B ACO G . 7.27 -9.76 -8.84
O3B ACO G . 7.90 -9.58 -10.12
P3B ACO G . 7.66 -8.27 -11.04
O7A ACO G . 6.24 -8.41 -11.52
O8A ACO G . 8.69 -8.41 -12.11
O9A ACO G . 7.88 -7.10 -10.12
C4B ACO G . 8.36 -9.74 -7.75
O4B ACO G . 8.68 -11.15 -7.62
C5B ACO G . 7.89 -9.18 -6.38
O5B ACO G . 6.77 -9.92 -5.95
P1A ACO G . 5.66 -9.38 -4.89
O1A ACO G . 4.49 -10.28 -4.98
O2A ACO G . 5.27 -7.99 -5.20
O3A ACO G . 6.33 -9.47 -3.44
P2A ACO G . 7.02 -8.37 -2.49
O4A ACO G . 5.99 -7.75 -1.64
O5A ACO G . 7.67 -7.33 -3.30
O6A ACO G . 8.12 -9.09 -1.59
CBP ACO G . 8.96 -10.86 -0.20
CCP ACO G . 7.73 -10.15 -0.76
CDP ACO G . 9.72 -11.64 -1.30
CEP ACO G . 9.92 -9.81 0.44
CAP ACO G . 8.34 -11.80 0.87
OAP ACO G . 7.44 -12.73 0.25
C9P ACO G . 9.43 -12.53 1.67
O9P ACO G . 9.88 -13.60 1.28
N8P ACO G . 9.84 -11.92 2.78
C7P ACO G . 10.87 -12.44 3.65
C6P ACO G . 10.53 -12.27 5.12
C5P ACO G . 11.41 -13.14 6.01
O5P ACO G . 11.79 -14.23 5.61
N4P ACO G . 11.72 -12.64 7.21
C3P ACO G . 12.54 -13.36 8.18
C2P ACO G . 12.36 -12.63 9.53
S1P ACO G . 11.18 -13.51 10.56
C ACO G . 11.66 -14.85 11.06
O ACO G . 12.85 -14.93 11.50
CH3 ACO G . 10.67 -16.05 10.97
C1' UD1 H . 32.27 -5.80 60.51
C2' UD1 H . 32.55 -5.72 62.02
C3' UD1 H . 33.02 -7.06 62.50
C4' UD1 H . 31.97 -8.10 62.22
C5' UD1 H . 31.70 -8.19 60.86
C6' UD1 H . 30.58 -9.23 60.61
C7' UD1 H . 33.32 -3.38 62.40
C8' UD1 H . 34.48 -2.48 62.70
N2' UD1 H . 33.59 -4.68 62.31
O1' UD1 H . 33.55 -6.04 59.91
O3' UD1 H . 33.27 -6.95 63.90
O4' UD1 H . 32.43 -9.38 62.68
O5' UD1 H . 31.31 -6.88 60.29
O6' UD1 H . 30.05 -9.11 59.29
O7' UD1 H . 32.20 -2.90 62.25
N1 UD1 H . 30.05 0.31 55.91
C2 UD1 H . 29.60 1.60 55.67
N3 UD1 H . 30.50 2.60 55.74
C4 UD1 H . 31.80 2.46 56.01
C5 UD1 H . 32.35 1.12 56.27
C6 UD1 H . 31.51 0.05 56.21
O2 UD1 H . 28.46 1.91 55.42
O4 UD1 H . 32.51 3.46 56.04
C1B UD1 H . 29.10 -0.81 55.85
C2B UD1 H . 29.35 -1.83 54.70
O2' UD1 H . 28.61 -1.39 53.54
C3B UD1 H . 28.93 -3.18 55.35
C4B UD1 H . 29.03 -2.91 56.89
O4B UD1 H . 29.12 -1.51 57.07
O3B UD1 H . 27.59 -3.47 55.02
C5B UD1 H . 30.29 -3.48 57.55
O5B UD1 H . 31.47 -3.13 56.84
PA UD1 H . 32.61 -4.13 56.51
O1A UD1 H . 33.70 -3.31 55.94
O2A UD1 H . 32.11 -5.18 55.55
O3A UD1 H . 32.95 -4.76 57.91
PB UD1 H . 33.76 -6.04 58.34
O1B UD1 H . 35.21 -5.85 58.04
O2B UD1 H . 33.16 -7.31 57.83
CA CA I . -11.21 11.09 -62.78
CA CA J . -6.02 7.60 -65.07
CA CA K . -24.10 13.07 -2.61
CA CA L . -2.85 27.83 -10.43
N1A ACO M . 5.45 19.63 3.35
C2A ACO M . 6.60 19.01 3.69
N3A ACO M . 6.87 17.70 3.70
C4A ACO M . 5.79 16.93 3.30
C5A ACO M . 4.53 17.36 2.92
C6A ACO M . 4.36 18.88 2.96
N6A ACO M . 3.22 19.48 2.63
N7A ACO M . 3.69 16.32 2.59
C8A ACO M . 4.45 15.27 2.77
N9A ACO M . 5.75 15.57 3.20
C1B ACO M . 6.87 14.67 3.50
C2B ACO M . 6.54 13.53 4.45
O2B ACO M . 6.81 13.93 5.80
C3B ACO M . 7.48 12.46 3.93
O3B ACO M . 8.77 12.67 4.55
P3B ACO M . 9.53 11.48 5.36
O7A ACO M . 8.70 11.32 6.60
O8A ACO M . 10.90 12.04 5.58
O9A ACO M . 9.47 10.31 4.43
C4B ACO M . 7.62 12.66 2.41
O4B ACO M . 7.34 14.08 2.29
C5B ACO M . 6.62 11.85 1.55
O5B ACO M . 5.31 12.13 2.01
P1A ACO M . 4.01 11.19 1.73
O1A ACO M . 2.90 11.72 2.54
O2A ACO M . 4.30 9.78 2.11
O3A ACO M . 3.69 11.33 0.19
P2A ACO M . 4.03 10.44 -1.10
O4A ACO M . 2.94 9.44 -1.28
O5A ACO M . 5.31 9.72 -0.95
O6A ACO M . 4.11 11.40 -2.38
CBP ACO M . 3.33 13.10 -3.85
CCP ACO M . 2.94 12.05 -2.83
CDP ACO M . 4.24 14.18 -3.20
CEP ACO M . 4.09 12.42 -5.03
CAP ACO M . 1.96 13.68 -4.28
OAP ACO M . 1.29 14.33 -3.18
C9P ACO M . 2.12 14.63 -5.47
O9P ACO M . 2.39 15.81 -5.28
N8P ACO M . 1.97 14.08 -6.67
C7P ACO M . 2.11 14.77 -7.92
C6P ACO M . 1.03 14.36 -8.92
C5P ACO M . 0.90 15.37 -10.05
O5P ACO M . 1.09 16.57 -9.84
N4P ACO M . 0.55 14.86 -11.24
C3P ACO M . 0.39 15.71 -12.43
C2P ACO M . -0.29 14.83 -13.50
S1P ACO M . -2.05 15.20 -13.56
C ACO M . -2.41 16.54 -14.14
O ACO M . -1.84 16.89 -15.19
CH3 ACO M . -3.48 17.38 -13.38
C1' UD1 N . -12.70 9.36 -66.94
C2' UD1 N . -13.33 9.21 -68.32
C3' UD1 N . -13.71 10.58 -68.84
C4' UD1 N . -14.66 11.27 -67.90
C5' UD1 N . -14.06 11.41 -66.64
C6' UD1 N . -15.06 12.06 -65.66
C7' UD1 N . -12.27 7.24 -69.36
C8' UD1 N . -11.27 6.73 -70.37
N2' UD1 N . -12.40 8.54 -69.27
O1' UD1 N . -11.47 10.07 -67.19
O3' UD1 N . -14.31 10.38 -70.12
O4' UD1 N . -14.99 12.58 -68.40
O5' UD1 N . -13.63 10.09 -66.10
O6' UD1 N . -14.64 11.90 -64.30
O7' UD1 N . -12.92 6.43 -68.69
N1 UD1 N . -9.78 3.43 -62.61
C2 UD1 N . -9.61 2.10 -62.31
N3 UD1 N . -8.65 1.44 -62.98
C4 UD1 N . -7.84 1.94 -63.92
C5 UD1 N . -7.97 3.37 -64.28
C6 UD1 N . -8.93 4.11 -63.65
O2 UD1 N . -10.26 1.47 -61.49
O4 UD1 N . -7.01 1.21 -64.45
C1B UD1 N . -10.82 4.18 -61.90
C2B UD1 N . -10.30 5.35 -61.02
O2' UD1 N . -9.98 4.80 -59.74
C3B UD1 N . -11.48 6.38 -61.08
C4B UD1 N . -12.19 6.03 -62.42
O4B UD1 N . -11.73 4.74 -62.82
O3B UD1 N . -12.37 6.11 -59.99
C5B UD1 N . -11.81 6.97 -63.59
O5B UD1 N . -10.39 7.04 -63.79
PA UD1 N . -9.63 8.37 -64.09
O1A UD1 N . -8.22 7.97 -64.30
O2A UD1 N . -9.85 9.29 -62.93
O3A UD1 N . -10.31 8.91 -65.37
PB UD1 N . -10.40 10.32 -66.03
O1B UD1 N . -9.09 10.66 -66.66
O2B UD1 N . -10.96 11.37 -65.12
#